data_7ZZU
#
_entry.id   7ZZU
#
_cell.length_a   92.350
_cell.length_b   98.352
_cell.length_c   139.291
_cell.angle_alpha   90.000
_cell.angle_beta   90.000
_cell.angle_gamma   90.000
#
_symmetry.space_group_name_H-M   'P 21 21 21'
#
loop_
_entity.id
_entity.type
_entity.pdbx_description
1 polymer 'Histone deacetylase 2'
2 non-polymer 1,2-ETHANEDIOL
3 non-polymer 'TETRAETHYLENE GLYCOL'
4 non-polymer DI(HYDROXYETHYL)ETHER
5 non-polymer 'ZINC ION'
6 non-polymer 'CALCIUM ION'
7 non-polymer 'SODIUM ION'
8 non-polymer 2-[4-[(2~{R},4~{S})-4-phenylpyrrolidin-2-yl]carbonylpiperazin-1-yl]pyridine-3-carbonitrile
9 non-polymer '2-[N-CYCLOHEXYLAMINO]ETHANE SULFONIC ACID'
10 water water
#
_entity_poly.entity_id   1
_entity_poly.type   'polypeptide(L)'
_entity_poly.pdbx_seq_one_letter_code
;MAYSQGGGKKKVCYYYDGDIGNYYYGQGHPMKPHRIRMTHNLLLNYGLYRKMEIYRPHKATAEEMTKYHSDEYIKFLRSI
RPDNMSEYSKQMQRFNVGEDCPVFDGLFEFCQLSTGGSVAGAVKLNRQQTDMAVNWAGGLHHAKKSEASGFCYVNDIVLA
ILELLKYHQRVLYIDIDIHHGDGVEEAFYTTDRVMTVSFHKYGEYFPGTGDLRDIGAGKGKYYAVNFPMRDGIDDESYGQ
IFKPIISKVMEMYQPSAVVLQCGADSLSGDRLGCFNLTVKGHAKCVEVVKTFNLPLLMLGGGGYTIRNVARCWTYETAVA
LDCEIPNELPYNDYFEYFGPDFKLHISPSNMTNQNTPEYMEKIKQRLFENLRMLPHAPGVQMQAIPEDAVHEDSGDEDGE
DPDKRISIRASDKRIACDEEFSDSEDEGEGGRRNVADHKKGAKKARIEEDKKETEDKKTDVKEEDKSKDNSGEKTDTKGT
KSEQLSNPGSSGHHHHHH
;
_entity_poly.pdbx_strand_id   A,B,C
#
loop_
_chem_comp.id
_chem_comp.type
_chem_comp.name
_chem_comp.formula
CA non-polymer 'CALCIUM ION' 'Ca 2'
EDO non-polymer 1,2-ETHANEDIOL 'C2 H6 O2'
KKI non-polymer 2-[4-[(2~{R},4~{S})-4-phenylpyrrolidin-2-yl]carbonylpiperazin-1-yl]pyridine-3-carbonitrile 'C21 H23 N5 O'
NA non-polymer 'SODIUM ION' 'Na 1'
NHE non-polymer '2-[N-CYCLOHEXYLAMINO]ETHANE SULFONIC ACID' 'C8 H17 N O3 S'
PEG non-polymer DI(HYDROXYETHYL)ETHER 'C4 H10 O3'
PG4 non-polymer 'TETRAETHYLENE GLYCOL' 'C8 H18 O5'
ZN non-polymer 'ZINC ION' 'Zn 2'
#
# COMPACT_ATOMS: atom_id res chain seq x y z
N LYS A 10 6.27 -11.41 -18.16
CA LYS A 10 5.30 -10.35 -17.67
C LYS A 10 4.08 -11.03 -17.05
N LYS A 11 3.81 -10.74 -15.78
CA LYS A 11 2.78 -11.40 -15.03
C LYS A 11 1.45 -10.68 -15.24
N VAL A 12 0.35 -11.46 -15.32
CA VAL A 12 -0.99 -10.92 -15.51
C VAL A 12 -1.88 -11.41 -14.36
N CYS A 13 -2.54 -10.49 -13.68
CA CYS A 13 -3.59 -10.89 -12.74
CA CYS A 13 -3.57 -10.81 -12.71
C CYS A 13 -4.94 -10.40 -13.27
N TYR A 14 -5.95 -11.21 -13.05
CA TYR A 14 -7.23 -11.02 -13.69
C TYR A 14 -8.35 -11.15 -12.65
N TYR A 15 -9.32 -10.25 -12.67
CA TYR A 15 -10.36 -10.22 -11.65
C TYR A 15 -11.70 -10.64 -12.23
N TYR A 16 -12.37 -11.55 -11.55
CA TYR A 16 -13.69 -11.99 -11.99
C TYR A 16 -14.46 -12.52 -10.79
N ASP A 17 -15.70 -12.03 -10.63
CA ASP A 17 -16.63 -12.61 -9.66
C ASP A 17 -17.72 -13.35 -10.43
N GLY A 18 -17.93 -14.61 -10.06
CA GLY A 18 -18.86 -15.49 -10.74
C GLY A 18 -20.31 -15.00 -10.70
N ASP A 19 -20.64 -14.04 -9.83
CA ASP A 19 -21.99 -13.47 -9.85
C ASP A 19 -22.18 -12.27 -10.77
N ILE A 20 -21.10 -11.76 -11.37
CA ILE A 20 -21.18 -10.49 -12.09
C ILE A 20 -22.22 -10.61 -13.23
N GLY A 21 -22.30 -11.79 -13.87
CA GLY A 21 -23.22 -12.00 -14.99
C GLY A 21 -24.68 -12.11 -14.57
N ASN A 22 -24.97 -12.13 -13.26
CA ASN A 22 -26.31 -12.30 -12.75
C ASN A 22 -27.00 -10.96 -12.45
N TYR A 23 -26.29 -9.84 -12.52
CA TYR A 23 -26.92 -8.52 -12.33
C TYR A 23 -27.63 -8.16 -13.64
N TYR A 24 -28.84 -7.66 -13.55
CA TYR A 24 -29.67 -7.43 -14.74
C TYR A 24 -30.23 -6.01 -14.73
N TYR A 25 -29.89 -5.23 -15.76
CA TYR A 25 -30.31 -3.85 -15.85
C TYR A 25 -31.82 -3.75 -16.15
N GLY A 26 -32.47 -4.79 -16.63
CA GLY A 26 -33.90 -4.71 -16.88
C GLY A 26 -34.24 -5.04 -18.32
N GLN A 27 -35.47 -5.46 -18.54
CA GLN A 27 -35.96 -5.82 -19.88
C GLN A 27 -35.73 -4.65 -20.84
N GLY A 28 -35.16 -4.92 -22.00
CA GLY A 28 -34.94 -3.87 -23.00
C GLY A 28 -33.66 -3.09 -22.77
N HIS A 29 -32.97 -3.21 -21.63
CA HIS A 29 -31.78 -2.39 -21.44
C HIS A 29 -30.60 -3.05 -22.17
N PRO A 30 -29.89 -2.27 -23.02
CA PRO A 30 -28.80 -2.82 -23.81
C PRO A 30 -27.56 -3.29 -23.03
N MET A 31 -27.34 -2.80 -21.82
CA MET A 31 -26.18 -3.22 -21.03
C MET A 31 -26.45 -4.58 -20.37
N LYS A 32 -25.64 -5.59 -20.72
CA LYS A 32 -25.86 -6.99 -20.34
C LYS A 32 -24.61 -7.51 -19.60
N PRO A 33 -24.58 -7.43 -18.27
CA PRO A 33 -23.38 -7.93 -17.52
C PRO A 33 -23.01 -9.40 -17.82
N HIS A 34 -23.98 -10.18 -18.30
CA HIS A 34 -23.78 -11.57 -18.74
C HIS A 34 -22.63 -11.68 -19.75
N ARG A 35 -22.34 -10.61 -20.51
CA ARG A 35 -21.28 -10.63 -21.47
C ARG A 35 -19.94 -10.87 -20.77
N ILE A 36 -19.82 -10.47 -19.50
CA ILE A 36 -18.55 -10.69 -18.76
C ILE A 36 -18.39 -12.20 -18.46
N ARG A 37 -19.49 -12.86 -18.13
CA ARG A 37 -19.49 -14.29 -17.88
C ARG A 37 -19.18 -15.06 -19.16
N MET A 38 -19.72 -14.62 -20.29
CA MET A 38 -19.40 -15.24 -21.57
C MET A 38 -17.92 -15.10 -21.91
N THR A 39 -17.35 -13.93 -21.67
CA THR A 39 -15.93 -13.69 -21.84
C THR A 39 -15.12 -14.65 -20.99
N HIS A 40 -15.47 -14.73 -19.71
CA HIS A 40 -14.73 -15.60 -18.77
C HIS A 40 -14.79 -17.06 -19.25
N ASN A 41 -15.97 -17.50 -19.65
CA ASN A 41 -16.16 -18.89 -20.03
C ASN A 41 -15.34 -19.22 -21.29
N LEU A 42 -15.31 -18.27 -22.23
CA LEU A 42 -14.56 -18.49 -23.43
C LEU A 42 -13.05 -18.56 -23.11
N LEU A 43 -12.50 -17.63 -22.33
CA LEU A 43 -11.07 -17.70 -22.11
C LEU A 43 -10.71 -18.90 -21.20
N LEU A 44 -11.59 -19.36 -20.29
CA LEU A 44 -11.36 -20.61 -19.56
C LEU A 44 -11.24 -21.79 -20.55
N ASN A 45 -12.09 -21.83 -21.57
CA ASN A 45 -12.10 -22.93 -22.52
C ASN A 45 -10.92 -22.85 -23.49
N TYR A 46 -10.29 -21.69 -23.65
CA TYR A 46 -9.04 -21.59 -24.37
C TYR A 46 -7.84 -22.00 -23.50
N GLY A 47 -8.05 -22.15 -22.20
CA GLY A 47 -6.98 -22.61 -21.29
C GLY A 47 -6.15 -21.45 -20.74
N LEU A 48 -6.58 -20.23 -20.90
CA LEU A 48 -5.72 -19.07 -20.56
C LEU A 48 -5.57 -18.94 -19.03
N TYR A 49 -6.45 -19.58 -18.26
CA TYR A 49 -6.31 -19.65 -16.79
C TYR A 49 -4.99 -20.31 -16.37
N ARG A 50 -4.41 -21.17 -17.20
CA ARG A 50 -3.15 -21.84 -16.85
C ARG A 50 -2.00 -20.82 -16.79
N LYS A 51 -2.19 -19.63 -17.35
CA LYS A 51 -1.09 -18.68 -17.57
C LYS A 51 -1.28 -17.41 -16.76
N MET A 52 -2.38 -17.21 -16.04
CA MET A 52 -2.54 -15.98 -15.27
C MET A 52 -3.12 -16.28 -13.89
N GLU A 53 -2.95 -15.34 -13.00
CA GLU A 53 -3.50 -15.43 -11.66
C GLU A 53 -4.92 -14.86 -11.72
N ILE A 54 -5.90 -15.66 -11.28
CA ILE A 54 -7.30 -15.22 -11.30
C ILE A 54 -7.74 -14.98 -9.86
N TYR A 55 -8.33 -13.83 -9.59
CA TYR A 55 -8.78 -13.39 -8.26
C TYR A 55 -10.25 -13.00 -8.31
N ARG A 56 -10.96 -13.25 -7.23
CA ARG A 56 -12.28 -12.65 -7.07
C ARG A 56 -12.09 -11.25 -6.48
N PRO A 57 -12.76 -10.25 -7.05
CA PRO A 57 -12.63 -8.95 -6.44
C PRO A 57 -13.29 -8.89 -5.05
N HIS A 58 -12.81 -7.99 -4.21
CA HIS A 58 -13.50 -7.66 -2.96
C HIS A 58 -14.69 -6.77 -3.31
N LYS A 59 -15.64 -6.62 -2.40
CA LYS A 59 -16.69 -5.64 -2.61
C LYS A 59 -16.19 -4.29 -2.11
N ALA A 60 -15.90 -3.40 -3.03
CA ALA A 60 -15.39 -2.07 -2.66
C ALA A 60 -16.35 -1.46 -1.63
N THR A 61 -15.78 -0.82 -0.62
CA THR A 61 -16.55 -0.23 0.47
C THR A 61 -17.00 1.18 0.10
N ALA A 62 -17.97 1.68 0.84
CA ALA A 62 -18.35 3.08 0.75
C ALA A 62 -17.14 3.99 1.00
N GLU A 63 -16.31 3.63 1.97
CA GLU A 63 -15.06 4.35 2.24
C GLU A 63 -14.18 4.45 0.98
N GLU A 64 -14.03 3.35 0.25
CA GLU A 64 -13.22 3.38 -0.97
C GLU A 64 -13.90 4.29 -2.02
N MET A 65 -15.23 4.20 -2.15
CA MET A 65 -15.92 4.91 -3.23
C MET A 65 -15.92 6.42 -3.00
N THR A 66 -15.98 6.83 -1.72
CA THR A 66 -16.03 8.22 -1.37
C THR A 66 -14.64 8.86 -1.44
N LYS A 67 -13.58 8.15 -1.83
CA LYS A 67 -12.32 8.80 -2.17
C LYS A 67 -12.54 9.73 -3.38
N TYR A 68 -13.52 9.44 -4.23
CA TYR A 68 -13.90 10.38 -5.28
C TYR A 68 -15.35 10.89 -5.15
N HIS A 69 -16.29 9.98 -5.06
CA HIS A 69 -17.73 10.28 -5.08
C HIS A 69 -18.19 10.95 -3.80
N SER A 70 -19.25 11.75 -3.92
CA SER A 70 -19.82 12.39 -2.77
C SER A 70 -20.48 11.35 -1.84
N ASP A 71 -20.38 11.60 -0.54
CA ASP A 71 -20.97 10.78 0.50
C ASP A 71 -22.47 10.57 0.31
N GLU A 72 -23.18 11.64 -0.02
CA GLU A 72 -24.64 11.58 -0.17
C GLU A 72 -25.02 10.71 -1.39
N TYR A 73 -24.25 10.79 -2.47
CA TYR A 73 -24.53 10.00 -3.65
C TYR A 73 -24.30 8.51 -3.36
N ILE A 74 -23.18 8.19 -2.73
CA ILE A 74 -22.90 6.80 -2.36
C ILE A 74 -23.93 6.27 -1.35
N LYS A 75 -24.31 7.04 -0.33
CA LYS A 75 -25.36 6.61 0.59
C LYS A 75 -26.66 6.31 -0.16
N PHE A 76 -26.99 7.13 -1.15
CA PHE A 76 -28.19 6.91 -1.96
C PHE A 76 -28.07 5.59 -2.72
N LEU A 77 -26.92 5.33 -3.37
CA LEU A 77 -26.77 4.10 -4.13
C LEU A 77 -26.90 2.87 -3.22
N ARG A 78 -26.43 3.01 -1.98
CA ARG A 78 -26.48 1.96 -0.97
CA ARG A 78 -26.48 1.96 -0.97
C ARG A 78 -27.92 1.74 -0.47
N SER A 79 -28.80 2.71 -0.72
CA SER A 79 -30.15 2.72 -0.15
C SER A 79 -31.24 2.32 -1.16
N ILE A 80 -31.06 2.69 -2.42
CA ILE A 80 -32.15 2.64 -3.40
C ILE A 80 -32.41 1.19 -3.85
N ARG A 81 -33.69 0.83 -3.91
CA ARG A 81 -34.08 -0.53 -4.35
C ARG A 81 -35.37 -0.43 -5.18
N PRO A 82 -35.66 -1.44 -6.01
CA PRO A 82 -36.94 -1.44 -6.72
C PRO A 82 -38.13 -1.20 -5.79
N ASP A 83 -38.15 -1.88 -4.63
CA ASP A 83 -39.25 -1.77 -3.69
C ASP A 83 -39.40 -0.42 -2.95
N ASN A 84 -38.40 0.46 -2.95
CA ASN A 84 -38.56 1.72 -2.19
C ASN A 84 -38.41 2.95 -3.10
N MET A 85 -38.50 2.78 -4.42
CA MET A 85 -38.29 3.89 -5.38
C MET A 85 -39.30 5.02 -5.17
N SER A 86 -40.52 4.68 -4.80
CA SER A 86 -41.55 5.70 -4.56
C SER A 86 -41.11 6.68 -3.47
N GLU A 87 -40.39 6.21 -2.46
CA GLU A 87 -39.99 7.06 -1.33
C GLU A 87 -38.81 7.95 -1.72
N TYR A 88 -38.11 7.61 -2.80
CA TYR A 88 -36.81 8.22 -3.11
C TYR A 88 -36.90 9.03 -4.41
N SER A 89 -38.09 9.46 -4.84
CA SER A 89 -38.20 9.92 -6.23
C SER A 89 -37.37 11.21 -6.42
N LYS A 90 -37.28 12.07 -5.40
CA LYS A 90 -36.52 13.31 -5.52
C LYS A 90 -35.01 13.03 -5.55
N GLN A 91 -34.55 12.04 -4.80
CA GLN A 91 -33.13 11.70 -4.83
C GLN A 91 -32.79 11.04 -6.18
N MET A 92 -33.73 10.27 -6.72
CA MET A 92 -33.51 9.62 -8.01
C MET A 92 -33.28 10.69 -9.08
N GLN A 93 -34.06 11.77 -9.04
CA GLN A 93 -33.91 12.86 -9.99
C GLN A 93 -32.55 13.53 -9.79
N ARG A 94 -32.19 13.84 -8.55
CA ARG A 94 -30.94 14.53 -8.23
C ARG A 94 -29.74 13.71 -8.68
N PHE A 95 -29.76 12.39 -8.48
CA PHE A 95 -28.57 11.57 -8.77
C PHE A 95 -28.67 10.91 -10.15
N ASN A 96 -29.72 11.22 -10.90
CA ASN A 96 -29.86 10.75 -12.27
C ASN A 96 -30.01 9.22 -12.34
N VAL A 97 -30.72 8.63 -11.39
CA VAL A 97 -30.91 7.18 -11.39
C VAL A 97 -32.40 6.89 -11.66
N GLY A 98 -32.70 5.87 -12.45
CA GLY A 98 -34.09 5.49 -12.64
C GLY A 98 -34.52 5.40 -14.09
N GLU A 99 -33.74 5.90 -15.04
CA GLU A 99 -34.09 5.81 -16.48
C GLU A 99 -32.95 5.09 -17.23
N ASP A 100 -32.05 5.81 -17.90
CA ASP A 100 -30.95 5.15 -18.58
C ASP A 100 -29.98 4.44 -17.63
N CYS A 101 -29.89 4.93 -16.39
CA CYS A 101 -29.20 4.29 -15.28
C CYS A 101 -30.25 3.75 -14.32
N PRO A 102 -30.80 2.57 -14.62
CA PRO A 102 -31.98 2.12 -13.91
C PRO A 102 -31.69 1.71 -12.46
N VAL A 103 -32.74 1.58 -11.67
CA VAL A 103 -32.67 0.90 -10.37
C VAL A 103 -32.86 -0.60 -10.63
N PHE A 104 -31.96 -1.43 -10.14
CA PHE A 104 -32.17 -2.88 -10.26
C PHE A 104 -31.69 -3.58 -8.98
N ASP A 105 -32.17 -4.81 -8.81
CA ASP A 105 -31.85 -5.59 -7.63
C ASP A 105 -30.33 -5.83 -7.64
N GLY A 106 -29.68 -5.51 -6.53
CA GLY A 106 -28.24 -5.73 -6.41
C GLY A 106 -27.39 -4.64 -7.05
N LEU A 107 -28.00 -3.49 -7.38
CA LEU A 107 -27.28 -2.41 -8.02
C LEU A 107 -26.00 -2.08 -7.23
N PHE A 108 -26.11 -1.93 -5.93
CA PHE A 108 -24.95 -1.47 -5.18
C PHE A 108 -23.87 -2.57 -5.19
N GLU A 109 -24.26 -3.82 -4.99
CA GLU A 109 -23.30 -4.92 -5.06
C GLU A 109 -22.58 -4.99 -6.40
N PHE A 110 -23.33 -4.77 -7.49
CA PHE A 110 -22.73 -4.67 -8.82
C PHE A 110 -21.63 -3.60 -8.88
N CYS A 111 -21.93 -2.42 -8.38
CA CYS A 111 -20.95 -1.33 -8.30
C CYS A 111 -19.73 -1.75 -7.44
N GLN A 112 -19.99 -2.45 -6.34
CA GLN A 112 -18.92 -2.88 -5.43
C GLN A 112 -17.96 -3.85 -6.12
N LEU A 113 -18.51 -4.77 -6.91
CA LEU A 113 -17.65 -5.79 -7.55
C LEU A 113 -16.90 -5.24 -8.76
N SER A 114 -17.60 -4.41 -9.54
CA SER A 114 -17.02 -3.67 -10.63
C SER A 114 -15.82 -2.82 -10.16
N THR A 115 -16.05 -2.03 -9.12
CA THR A 115 -15.05 -1.16 -8.61
C THR A 115 -13.94 -1.96 -7.89
N GLY A 116 -14.32 -3.01 -7.18
CA GLY A 116 -13.33 -3.77 -6.41
C GLY A 116 -12.22 -4.31 -7.30
N GLY A 117 -12.59 -4.81 -8.48
CA GLY A 117 -11.61 -5.35 -9.42
C GLY A 117 -10.60 -4.31 -9.87
N SER A 118 -11.07 -3.11 -10.16
CA SER A 118 -10.24 -2.04 -10.64
C SER A 118 -9.27 -1.53 -9.55
N VAL A 119 -9.78 -1.30 -8.34
CA VAL A 119 -8.94 -0.80 -7.27
C VAL A 119 -7.95 -1.89 -6.82
N ALA A 120 -8.42 -3.12 -6.75
CA ALA A 120 -7.57 -4.23 -6.40
C ALA A 120 -6.41 -4.36 -7.40
N GLY A 121 -6.71 -4.24 -8.69
CA GLY A 121 -5.68 -4.28 -9.75
C GLY A 121 -4.64 -3.20 -9.57
N ALA A 122 -5.11 -1.98 -9.31
CA ALA A 122 -4.24 -0.84 -9.06
C ALA A 122 -3.34 -1.07 -7.83
N VAL A 123 -3.88 -1.64 -6.74
CA VAL A 123 -3.06 -1.95 -5.58
C VAL A 123 -1.96 -2.97 -5.96
N LYS A 124 -2.30 -3.99 -6.73
CA LYS A 124 -1.33 -5.01 -7.14
C LYS A 124 -0.20 -4.41 -7.98
N LEU A 125 -0.56 -3.50 -8.89
CA LEU A 125 0.44 -2.81 -9.72
C LEU A 125 1.35 -1.95 -8.85
N ASN A 126 0.76 -1.22 -7.89
CA ASN A 126 1.50 -0.35 -6.98
C ASN A 126 2.50 -1.16 -6.14
N ARG A 127 2.11 -2.37 -5.77
CA ARG A 127 2.93 -3.27 -4.91
C ARG A 127 3.96 -4.04 -5.75
N GLN A 128 3.94 -3.86 -7.06
CA GLN A 128 4.87 -4.48 -8.01
C GLN A 128 4.71 -6.00 -7.93
N GLN A 129 3.47 -6.44 -7.70
CA GLN A 129 3.20 -7.87 -7.58
C GLN A 129 2.71 -8.41 -8.94
N THR A 130 2.40 -7.52 -9.87
CA THR A 130 2.03 -7.90 -11.20
C THR A 130 2.49 -6.80 -12.17
N ASP A 131 2.62 -7.17 -13.45
CA ASP A 131 2.89 -6.21 -14.55
C ASP A 131 1.63 -5.66 -15.21
N MET A 132 0.59 -6.48 -15.24
CA MET A 132 -0.68 -6.15 -15.84
C MET A 132 -1.79 -6.67 -14.94
N ALA A 133 -2.84 -5.88 -14.79
CA ALA A 133 -4.03 -6.34 -14.10
C ALA A 133 -5.21 -6.13 -15.03
N VAL A 134 -6.16 -7.04 -15.01
CA VAL A 134 -7.29 -7.01 -15.94
C VAL A 134 -8.60 -7.07 -15.15
N ASN A 135 -9.52 -6.16 -15.46
CA ASN A 135 -10.86 -6.19 -14.85
C ASN A 135 -11.89 -5.86 -15.94
N TRP A 136 -12.39 -6.90 -16.63
CA TRP A 136 -13.38 -6.65 -17.70
C TRP A 136 -14.72 -6.13 -17.18
N ALA A 137 -15.00 -6.27 -15.89
CA ALA A 137 -16.24 -5.73 -15.31
C ALA A 137 -16.12 -4.21 -15.04
N GLY A 138 -14.93 -3.64 -15.18
CA GLY A 138 -14.74 -2.20 -14.97
C GLY A 138 -14.85 -1.38 -16.24
N GLY A 139 -14.33 -0.16 -16.15
CA GLY A 139 -14.33 0.74 -17.30
C GLY A 139 -15.53 1.67 -17.36
N LEU A 140 -16.17 1.97 -16.21
CA LEU A 140 -17.46 2.71 -16.20
C LEU A 140 -17.21 4.24 -16.25
N HIS A 141 -16.79 4.68 -17.42
CA HIS A 141 -16.13 6.00 -17.60
C HIS A 141 -17.07 7.21 -17.54
N HIS A 142 -18.39 7.07 -17.57
CA HIS A 142 -19.29 8.22 -17.56
C HIS A 142 -19.68 8.66 -16.15
N ALA A 143 -19.48 7.83 -15.12
CA ALA A 143 -20.00 8.19 -13.77
C ALA A 143 -19.33 9.46 -13.27
N LYS A 144 -20.12 10.32 -12.65
CA LYS A 144 -19.68 11.62 -12.18
C LYS A 144 -19.58 11.62 -10.65
N LYS A 145 -18.98 12.66 -10.11
CA LYS A 145 -18.74 12.72 -8.66
C LYS A 145 -20.02 12.50 -7.86
N SER A 146 -21.13 13.13 -8.29
CA SER A 146 -22.38 13.06 -7.56
C SER A 146 -23.57 12.66 -8.46
N GLU A 147 -23.35 11.94 -9.54
CA GLU A 147 -24.51 11.50 -10.33
C GLU A 147 -24.10 10.37 -11.25
N ALA A 148 -25.08 9.51 -11.51
CA ALA A 148 -24.94 8.43 -12.48
C ALA A 148 -25.05 9.03 -13.88
N SER A 149 -24.48 8.34 -14.84
CA SER A 149 -24.62 8.78 -16.23
C SER A 149 -24.27 7.62 -17.15
N GLY A 150 -25.03 7.46 -18.23
CA GLY A 150 -24.60 6.58 -19.32
C GLY A 150 -24.41 5.13 -18.88
N PHE A 151 -25.32 4.66 -18.04
CA PHE A 151 -25.35 3.29 -17.54
C PHE A 151 -24.29 3.09 -16.45
N CYS A 152 -23.60 4.14 -16.04
CA CYS A 152 -22.46 4.09 -15.10
C CYS A 152 -22.84 4.73 -13.77
N TYR A 153 -22.56 4.08 -12.62
CA TYR A 153 -22.94 4.63 -11.33
C TYR A 153 -21.70 5.06 -10.52
N VAL A 154 -20.72 4.19 -10.45
CA VAL A 154 -19.48 4.47 -9.71
C VAL A 154 -18.31 4.41 -10.70
N ASN A 155 -17.48 5.44 -10.67
CA ASN A 155 -16.39 5.56 -11.60
C ASN A 155 -15.19 4.78 -11.08
N ASP A 156 -15.18 3.46 -11.38
CA ASP A 156 -14.07 2.54 -10.96
C ASP A 156 -12.73 3.03 -11.50
N ILE A 157 -12.75 3.68 -12.67
CA ILE A 157 -11.52 4.11 -13.34
C ILE A 157 -10.85 5.23 -12.54
N VAL A 158 -11.66 6.22 -12.16
CA VAL A 158 -11.17 7.37 -11.39
C VAL A 158 -10.62 6.84 -10.06
N LEU A 159 -11.34 5.92 -9.43
CA LEU A 159 -10.88 5.38 -8.12
C LEU A 159 -9.58 4.59 -8.28
N ALA A 160 -9.46 3.85 -9.36
CA ALA A 160 -8.22 3.11 -9.63
C ALA A 160 -7.05 4.06 -9.89
N ILE A 161 -7.30 5.13 -10.65
CA ILE A 161 -6.25 6.09 -10.94
C ILE A 161 -5.83 6.78 -9.64
N LEU A 162 -6.79 7.14 -8.80
CA LEU A 162 -6.44 7.73 -7.49
C LEU A 162 -5.53 6.82 -6.66
N GLU A 163 -5.79 5.51 -6.70
CA GLU A 163 -4.93 4.56 -6.05
C GLU A 163 -3.52 4.59 -6.68
N LEU A 164 -3.41 4.55 -8.02
CA LEU A 164 -2.08 4.61 -8.67
C LEU A 164 -1.32 5.90 -8.29
N LEU A 165 -2.04 7.01 -8.14
CA LEU A 165 -1.44 8.33 -7.86
C LEU A 165 -0.84 8.39 -6.46
N LYS A 166 -1.10 7.40 -5.63
CA LYS A 166 -0.40 7.33 -4.36
C LYS A 166 1.10 7.09 -4.60
N TYR A 167 1.43 6.30 -5.63
CA TYR A 167 2.81 5.88 -5.89
C TYR A 167 3.36 6.49 -7.18
N HIS A 168 2.52 6.93 -8.09
CA HIS A 168 2.98 7.34 -9.40
C HIS A 168 2.74 8.83 -9.59
N GLN A 169 3.77 9.57 -9.97
CA GLN A 169 3.66 11.01 -10.17
C GLN A 169 2.78 11.33 -11.38
N ARG A 170 2.88 10.51 -12.44
CA ARG A 170 2.17 10.74 -13.70
C ARG A 170 1.53 9.42 -14.15
N VAL A 171 0.22 9.47 -14.39
CA VAL A 171 -0.56 8.33 -14.82
C VAL A 171 -1.20 8.71 -16.15
N LEU A 172 -1.12 7.80 -17.10
CA LEU A 172 -1.73 7.95 -18.42
C LEU A 172 -3.02 7.12 -18.47
N TYR A 173 -4.11 7.77 -18.86
CA TYR A 173 -5.37 7.07 -19.13
C TYR A 173 -5.63 7.07 -20.64
N ILE A 174 -5.91 5.90 -21.22
CA ILE A 174 -6.26 5.79 -22.66
C ILE A 174 -7.62 5.11 -22.78
N ASP A 175 -8.49 5.64 -23.63
CA ASP A 175 -9.85 5.19 -23.70
C ASP A 175 -10.24 4.93 -25.15
N ILE A 176 -10.43 3.64 -25.51
CA ILE A 176 -10.76 3.28 -26.89
C ILE A 176 -12.22 2.82 -27.02
N ASP A 177 -13.02 2.99 -25.97
CA ASP A 177 -14.50 2.90 -26.10
C ASP A 177 -14.95 3.85 -27.22
N ILE A 178 -16.04 3.57 -27.91
CA ILE A 178 -16.51 4.51 -28.93
C ILE A 178 -16.99 5.84 -28.32
N HIS A 179 -17.33 5.84 -27.03
CA HIS A 179 -17.80 7.06 -26.39
C HIS A 179 -16.66 7.79 -25.69
N HIS A 180 -16.77 9.12 -25.66
CA HIS A 180 -15.81 9.95 -24.92
C HIS A 180 -15.81 9.58 -23.43
N GLY A 181 -14.63 9.38 -22.82
CA GLY A 181 -14.57 9.07 -21.38
C GLY A 181 -14.69 10.34 -20.56
N ASP A 182 -15.87 10.91 -20.55
CA ASP A 182 -16.06 12.23 -19.97
C ASP A 182 -15.90 12.27 -18.44
N GLY A 183 -16.31 11.22 -17.76
CA GLY A 183 -16.25 11.23 -16.30
C GLY A 183 -14.81 11.20 -15.82
N VAL A 184 -13.95 10.48 -16.53
CA VAL A 184 -12.53 10.40 -16.19
C VAL A 184 -11.83 11.72 -16.55
N GLU A 185 -12.09 12.24 -17.74
CA GLU A 185 -11.53 13.52 -18.15
C GLU A 185 -11.87 14.62 -17.13
N GLU A 186 -13.13 14.66 -16.72
CA GLU A 186 -13.62 15.67 -15.82
C GLU A 186 -12.92 15.61 -14.45
N ALA A 187 -12.77 14.40 -13.92
CA ALA A 187 -12.14 14.21 -12.61
C ALA A 187 -10.72 14.81 -12.59
N PHE A 188 -9.99 14.69 -13.71
CA PHE A 188 -8.57 15.08 -13.75
C PHE A 188 -8.29 16.27 -14.68
N TYR A 189 -9.32 17.01 -15.04
CA TYR A 189 -9.23 18.04 -16.06
C TYR A 189 -8.29 19.17 -15.62
N THR A 190 -8.13 19.41 -14.33
CA THR A 190 -7.31 20.54 -13.87
C THR A 190 -5.98 20.07 -13.25
N THR A 191 -5.58 18.83 -13.51
CA THR A 191 -4.28 18.35 -13.01
C THR A 191 -3.42 17.82 -14.15
N ASP A 192 -2.11 17.97 -13.96
CA ASP A 192 -1.12 17.42 -14.88
C ASP A 192 -0.64 16.05 -14.41
N ARG A 193 -1.20 15.52 -13.31
CA ARG A 193 -0.74 14.23 -12.79
C ARG A 193 -1.44 13.05 -13.45
N VAL A 194 -2.48 13.32 -14.21
CA VAL A 194 -3.10 12.33 -15.08
C VAL A 194 -3.29 12.97 -16.45
N MET A 195 -2.81 12.31 -17.47
CA MET A 195 -3.12 12.74 -18.83
C MET A 195 -4.22 11.80 -19.32
N THR A 196 -5.32 12.35 -19.80
CA THR A 196 -6.41 11.53 -20.34
C THR A 196 -6.40 11.64 -21.87
N VAL A 197 -6.44 10.49 -22.55
CA VAL A 197 -6.47 10.37 -23.99
C VAL A 197 -7.66 9.52 -24.43
N SER A 198 -8.63 10.14 -25.13
CA SER A 198 -9.84 9.45 -25.59
C SER A 198 -9.93 9.57 -27.12
N PHE A 199 -10.16 8.43 -27.76
CA PHE A 199 -10.53 8.33 -29.16
C PHE A 199 -12.00 7.96 -29.18
N HIS A 200 -12.85 8.68 -29.91
CA HIS A 200 -14.29 8.44 -29.76
C HIS A 200 -15.02 9.05 -30.97
N LYS A 201 -16.19 8.50 -31.22
CA LYS A 201 -17.13 9.14 -32.14
C LYS A 201 -17.58 10.48 -31.58
N TYR A 202 -17.62 11.49 -32.45
CA TYR A 202 -18.00 12.82 -32.08
C TYR A 202 -18.89 13.44 -33.17
N GLY A 203 -19.93 14.13 -32.71
CA GLY A 203 -20.91 14.81 -33.58
C GLY A 203 -22.32 14.45 -33.17
N GLU A 204 -22.90 15.25 -32.30
CA GLU A 204 -24.21 14.95 -31.71
C GLU A 204 -24.27 13.45 -31.35
N TYR A 205 -23.31 13.02 -30.55
CA TYR A 205 -23.24 11.64 -30.12
C TYR A 205 -22.99 11.65 -28.60
N PHE A 206 -23.56 10.68 -27.89
CA PHE A 206 -23.38 10.61 -26.43
C PHE A 206 -21.90 10.56 -26.07
N PRO A 207 -21.40 11.31 -25.08
CA PRO A 207 -22.10 12.19 -24.17
C PRO A 207 -22.13 13.65 -24.63
N GLY A 208 -21.57 13.96 -25.81
CA GLY A 208 -21.59 15.32 -26.37
C GLY A 208 -20.28 16.06 -26.15
N THR A 209 -19.37 15.49 -25.37
CA THR A 209 -18.11 16.15 -24.98
C THR A 209 -16.95 15.54 -25.77
N GLY A 210 -15.71 15.96 -25.53
CA GLY A 210 -14.58 15.35 -26.22
C GLY A 210 -14.23 16.05 -27.52
N ASP A 211 -14.46 17.36 -27.59
CA ASP A 211 -14.08 18.17 -28.74
C ASP A 211 -12.53 18.18 -28.74
N LEU A 212 -11.87 18.26 -29.89
N LEU A 212 -11.98 18.26 -29.95
CA LEU A 212 -10.40 18.25 -29.81
CA LEU A 212 -10.56 18.46 -30.23
C LEU A 212 -9.90 19.59 -29.26
C LEU A 212 -9.98 19.55 -29.31
N ARG A 213 -10.76 20.61 -29.16
CA ARG A 213 -10.35 21.84 -28.48
C ARG A 213 -10.44 21.74 -26.95
N ASP A 214 -10.98 20.65 -26.41
CA ASP A 214 -10.98 20.47 -24.96
C ASP A 214 -9.62 19.86 -24.57
N ILE A 215 -8.74 20.69 -24.04
CA ILE A 215 -7.33 20.30 -23.82
C ILE A 215 -6.98 20.34 -22.33
N GLY A 216 -7.96 20.58 -21.46
CA GLY A 216 -7.71 20.74 -19.99
C GLY A 216 -7.75 22.19 -19.54
N ALA A 217 -7.60 22.44 -18.25
CA ALA A 217 -7.67 23.81 -17.69
C ALA A 217 -6.70 23.91 -16.50
N GLY A 218 -6.23 25.13 -16.25
CA GLY A 218 -5.29 25.40 -15.16
C GLY A 218 -4.02 24.58 -15.33
N LYS A 219 -3.58 23.95 -14.23
CA LYS A 219 -2.37 23.13 -14.27
C LYS A 219 -2.55 21.99 -15.28
N GLY A 220 -3.79 21.64 -15.58
CA GLY A 220 -4.15 20.54 -16.48
C GLY A 220 -4.20 20.94 -17.95
N LYS A 221 -3.91 22.22 -18.27
CA LYS A 221 -3.93 22.63 -19.65
C LYS A 221 -2.86 21.85 -20.42
N TYR A 222 -3.33 21.16 -21.46
CA TYR A 222 -2.60 20.34 -22.41
C TYR A 222 -2.48 18.90 -21.89
N TYR A 223 -3.17 18.57 -20.79
CA TYR A 223 -3.09 17.18 -20.24
C TYR A 223 -4.41 16.46 -20.42
N ALA A 224 -5.25 16.99 -21.31
CA ALA A 224 -6.40 16.22 -21.82
C ALA A 224 -6.29 16.21 -23.33
N VAL A 225 -6.45 15.02 -23.93
CA VAL A 225 -6.26 14.82 -25.35
C VAL A 225 -7.50 14.10 -25.89
N ASN A 226 -8.14 14.69 -26.89
CA ASN A 226 -9.37 14.12 -27.47
C ASN A 226 -9.17 13.98 -28.98
N PHE A 227 -9.43 12.79 -29.51
CA PHE A 227 -9.38 12.53 -30.95
C PHE A 227 -10.81 12.21 -31.41
N PRO A 228 -11.55 13.24 -31.88
CA PRO A 228 -12.90 12.99 -32.37
C PRO A 228 -12.90 12.37 -33.78
N MET A 229 -13.73 11.35 -33.96
CA MET A 229 -13.82 10.53 -35.16
C MET A 229 -15.25 10.51 -35.67
N ARG A 230 -15.40 10.12 -36.92
CA ARG A 230 -16.70 9.96 -37.59
C ARG A 230 -16.99 8.47 -37.70
N ASP A 231 -18.19 8.15 -38.15
CA ASP A 231 -18.62 6.79 -38.38
C ASP A 231 -17.69 6.02 -39.32
N GLY A 232 -17.58 4.72 -39.07
CA GLY A 232 -17.05 3.79 -40.06
C GLY A 232 -15.54 3.66 -40.02
N ILE A 233 -14.85 4.17 -39.00
CA ILE A 233 -13.41 4.05 -38.94
C ILE A 233 -13.03 2.55 -38.99
N ASP A 234 -11.98 2.25 -39.74
CA ASP A 234 -11.51 0.87 -39.90
C ASP A 234 -10.13 0.64 -39.25
N ASP A 235 -9.70 -0.60 -39.24
CA ASP A 235 -8.46 -0.98 -38.56
C ASP A 235 -7.22 -0.19 -39.01
N GLU A 236 -7.07 -0.06 -40.32
CA GLU A 236 -5.90 0.61 -40.90
C GLU A 236 -5.89 2.09 -40.48
N SER A 237 -7.04 2.76 -40.57
CA SER A 237 -7.14 4.18 -40.22
C SER A 237 -6.86 4.41 -38.72
N TYR A 238 -7.48 3.59 -37.88
CA TYR A 238 -7.33 3.71 -36.45
C TYR A 238 -5.86 3.47 -36.06
N GLY A 239 -5.28 2.42 -36.62
CA GLY A 239 -3.89 2.03 -36.31
C GLY A 239 -2.90 3.12 -36.67
N GLN A 240 -3.15 3.79 -37.78
CA GLN A 240 -2.26 4.84 -38.27
C GLN A 240 -2.38 6.14 -37.43
N ILE A 241 -3.42 6.32 -36.63
CA ILE A 241 -3.36 7.42 -35.72
C ILE A 241 -3.04 6.96 -34.29
N PHE A 242 -3.44 5.77 -33.85
CA PHE A 242 -3.25 5.39 -32.44
C PHE A 242 -1.75 5.29 -32.08
N LYS A 243 -0.96 4.56 -32.86
CA LYS A 243 0.43 4.32 -32.53
C LYS A 243 1.23 5.62 -32.50
N PRO A 244 1.14 6.47 -33.55
CA PRO A 244 1.86 7.75 -33.44
C PRO A 244 1.41 8.67 -32.29
N ILE A 245 0.12 8.73 -32.00
CA ILE A 245 -0.36 9.60 -30.92
CA ILE A 245 -0.33 9.62 -30.92
C ILE A 245 0.14 9.08 -29.57
N ILE A 246 -0.01 7.79 -29.32
CA ILE A 246 0.41 7.25 -28.02
C ILE A 246 1.95 7.31 -27.92
N SER A 247 2.69 7.05 -29.00
CA SER A 247 4.17 7.21 -28.99
C SER A 247 4.58 8.62 -28.57
N LYS A 248 3.88 9.63 -29.10
CA LYS A 248 4.21 11.02 -28.80
C LYS A 248 3.81 11.34 -27.35
N VAL A 249 2.65 10.84 -26.92
CA VAL A 249 2.22 11.02 -25.54
C VAL A 249 3.29 10.42 -24.60
N MET A 250 3.73 9.20 -24.91
CA MET A 250 4.73 8.54 -24.06
C MET A 250 6.03 9.37 -24.02
N GLU A 251 6.48 9.88 -25.17
CA GLU A 251 7.71 10.64 -25.24
C GLU A 251 7.55 11.94 -24.45
N MET A 252 6.42 12.63 -24.57
CA MET A 252 6.32 13.97 -23.99
C MET A 252 5.91 13.90 -22.52
N TYR A 253 5.04 12.97 -22.16
CA TYR A 253 4.44 12.89 -20.82
C TYR A 253 5.23 11.94 -19.88
N GLN A 254 5.86 10.91 -20.42
CA GLN A 254 6.69 9.98 -19.64
C GLN A 254 5.92 9.48 -18.40
N PRO A 255 4.77 8.83 -18.57
CA PRO A 255 4.00 8.35 -17.44
C PRO A 255 4.70 7.13 -16.81
N SER A 256 4.38 6.81 -15.56
CA SER A 256 4.99 5.60 -14.93
C SER A 256 3.95 4.48 -14.78
N ALA A 257 2.67 4.75 -15.10
CA ALA A 257 1.65 3.73 -15.10
C ALA A 257 0.59 4.11 -16.14
N VAL A 258 -0.09 3.10 -16.66
CA VAL A 258 -1.11 3.31 -17.71
C VAL A 258 -2.40 2.58 -17.34
N VAL A 259 -3.54 3.23 -17.57
CA VAL A 259 -4.84 2.62 -17.46
C VAL A 259 -5.47 2.64 -18.87
N LEU A 260 -5.87 1.48 -19.37
CA LEU A 260 -6.46 1.36 -20.73
C LEU A 260 -7.89 0.83 -20.61
N GLN A 261 -8.83 1.68 -21.01
CA GLN A 261 -10.26 1.31 -21.09
C GLN A 261 -10.45 0.72 -22.50
N CYS A 262 -10.88 -0.55 -22.56
CA CYS A 262 -10.92 -1.33 -23.79
C CYS A 262 -12.37 -1.56 -24.21
N GLY A 263 -13.22 -0.52 -24.14
CA GLY A 263 -14.61 -0.68 -24.49
C GLY A 263 -14.74 -1.22 -25.91
N ALA A 264 -15.61 -2.24 -26.07
CA ALA A 264 -15.73 -3.04 -27.27
C ALA A 264 -16.88 -2.55 -28.13
N ASP A 265 -17.52 -1.46 -27.76
CA ASP A 265 -18.56 -0.84 -28.58
C ASP A 265 -17.96 -0.09 -29.82
N SER A 266 -16.62 -0.05 -29.92
CA SER A 266 -15.89 0.46 -31.09
C SER A 266 -15.69 -0.63 -32.16
N LEU A 267 -16.21 -1.86 -31.96
CA LEU A 267 -16.10 -2.92 -32.97
C LEU A 267 -17.21 -2.84 -34.02
N SER A 268 -16.84 -3.31 -35.19
CA SER A 268 -17.74 -3.55 -36.27
C SER A 268 -18.93 -4.38 -35.78
N GLY A 269 -20.14 -3.99 -36.17
CA GLY A 269 -21.30 -4.81 -35.92
C GLY A 269 -21.87 -4.56 -34.53
N ASP A 270 -21.36 -3.59 -33.80
CA ASP A 270 -21.91 -3.31 -32.49
C ASP A 270 -23.35 -2.78 -32.58
N ARG A 271 -24.21 -3.20 -31.67
CA ARG A 271 -25.63 -2.87 -31.74
C ARG A 271 -25.84 -1.37 -31.57
N LEU A 272 -25.00 -0.67 -30.82
CA LEU A 272 -25.16 0.77 -30.56
C LEU A 272 -24.07 1.61 -31.25
N GLY A 273 -22.91 1.07 -31.57
CA GLY A 273 -21.82 1.89 -32.13
C GLY A 273 -21.75 1.82 -33.65
N CYS A 274 -21.05 2.76 -34.26
CA CYS A 274 -20.99 2.84 -35.70
C CYS A 274 -19.54 2.87 -36.20
N PHE A 275 -18.60 2.23 -35.51
CA PHE A 275 -17.25 2.05 -36.03
C PHE A 275 -17.15 0.70 -36.74
N ASN A 276 -16.01 0.45 -37.37
CA ASN A 276 -15.82 -0.74 -38.19
C ASN A 276 -14.49 -1.44 -37.88
N LEU A 277 -14.08 -1.46 -36.62
CA LEU A 277 -12.84 -2.16 -36.19
C LEU A 277 -13.09 -3.66 -36.04
N THR A 278 -12.08 -4.45 -36.36
CA THR A 278 -12.08 -5.85 -36.02
C THR A 278 -11.50 -6.05 -34.62
N VAL A 279 -11.62 -7.27 -34.12
CA VAL A 279 -11.01 -7.61 -32.85
C VAL A 279 -9.49 -7.42 -32.94
N LYS A 280 -8.88 -7.82 -34.05
CA LYS A 280 -7.44 -7.57 -34.25
C LYS A 280 -7.09 -6.08 -34.27
N GLY A 281 -7.92 -5.24 -34.89
CA GLY A 281 -7.66 -3.80 -34.91
C GLY A 281 -7.76 -3.18 -33.53
N HIS A 282 -8.74 -3.63 -32.76
CA HIS A 282 -8.94 -3.15 -31.40
C HIS A 282 -7.77 -3.61 -30.53
N ALA A 283 -7.39 -4.88 -30.65
CA ALA A 283 -6.36 -5.48 -29.79
C ALA A 283 -4.96 -4.93 -30.10
N LYS A 284 -4.77 -4.41 -31.30
CA LYS A 284 -3.52 -3.78 -31.67
C LYS A 284 -3.24 -2.62 -30.72
N CYS A 285 -4.28 -1.95 -30.22
CA CYS A 285 -4.12 -0.89 -29.20
C CYS A 285 -3.45 -1.47 -27.94
N VAL A 286 -3.88 -2.65 -27.51
CA VAL A 286 -3.29 -3.28 -26.33
C VAL A 286 -1.81 -3.60 -26.61
N GLU A 287 -1.53 -4.19 -27.77
CA GLU A 287 -0.17 -4.53 -28.15
C GLU A 287 0.72 -3.29 -28.12
N VAL A 288 0.25 -2.19 -28.70
CA VAL A 288 1.02 -0.95 -28.74
C VAL A 288 1.32 -0.46 -27.31
N VAL A 289 0.31 -0.43 -26.46
CA VAL A 289 0.53 0.10 -25.12
C VAL A 289 1.54 -0.80 -24.36
N LYS A 290 1.46 -2.10 -24.58
CA LYS A 290 2.39 -3.04 -23.94
C LYS A 290 3.86 -2.79 -24.29
N THR A 291 4.18 -2.32 -25.51
CA THR A 291 5.55 -2.14 -25.92
C THR A 291 6.27 -1.11 -25.04
N PHE A 292 5.56 -0.25 -24.32
CA PHE A 292 6.20 0.74 -23.46
C PHE A 292 6.66 0.16 -22.12
N ASN A 293 6.25 -1.06 -21.77
CA ASN A 293 6.74 -1.78 -20.58
C ASN A 293 6.41 -1.02 -19.28
N LEU A 294 5.22 -0.45 -19.20
CA LEU A 294 4.78 0.22 -17.99
C LEU A 294 3.70 -0.62 -17.33
N PRO A 295 3.63 -0.59 -16.01
CA PRO A 295 2.51 -1.20 -15.27
C PRO A 295 1.19 -0.78 -15.92
N LEU A 296 0.30 -1.72 -16.17
CA LEU A 296 -0.85 -1.50 -17.03
C LEU A 296 -2.09 -2.14 -16.41
N LEU A 297 -3.12 -1.33 -16.22
CA LEU A 297 -4.43 -1.80 -15.80
C LEU A 297 -5.35 -1.77 -17.02
N MET A 298 -5.82 -2.93 -17.43
N MET A 298 -5.82 -2.93 -17.43
CA MET A 298 -6.72 -3.08 -18.57
CA MET A 298 -6.73 -3.06 -18.56
C MET A 298 -8.16 -3.23 -18.04
C MET A 298 -8.16 -3.23 -18.04
N LEU A 299 -9.07 -2.35 -18.48
CA LEU A 299 -10.45 -2.39 -18.03
C LEU A 299 -11.39 -2.62 -19.20
N GLY A 300 -12.59 -3.09 -18.88
CA GLY A 300 -13.66 -3.22 -19.84
C GLY A 300 -14.27 -1.87 -20.25
N GLY A 301 -15.53 -1.92 -20.62
CA GLY A 301 -16.21 -0.77 -21.16
C GLY A 301 -17.45 -1.23 -21.90
N GLY A 302 -17.88 -0.48 -22.91
CA GLY A 302 -19.10 -0.81 -23.58
C GLY A 302 -18.95 -2.04 -24.48
N GLY A 303 -20.02 -2.31 -25.18
CA GLY A 303 -20.09 -3.41 -26.12
C GLY A 303 -21.42 -4.12 -25.98
N TYR A 304 -22.16 -4.22 -27.09
CA TYR A 304 -23.59 -4.50 -27.07
C TYR A 304 -23.92 -5.67 -28.00
N THR A 305 -22.99 -6.08 -28.85
CA THR A 305 -23.12 -7.32 -29.60
C THR A 305 -22.31 -8.31 -28.79
N ILE A 306 -23.00 -9.08 -27.96
CA ILE A 306 -22.22 -9.65 -26.83
C ILE A 306 -21.28 -10.78 -27.30
N ARG A 307 -21.60 -11.51 -28.37
CA ARG A 307 -20.65 -12.47 -28.91
C ARG A 307 -19.31 -11.79 -29.27
N ASN A 308 -19.36 -10.55 -29.76
CA ASN A 308 -18.16 -9.87 -30.22
C ASN A 308 -17.41 -9.29 -29.02
N VAL A 309 -18.11 -8.92 -27.98
CA VAL A 309 -17.47 -8.52 -26.73
C VAL A 309 -16.67 -9.69 -26.16
N ALA A 310 -17.27 -10.88 -26.07
CA ALA A 310 -16.55 -12.05 -25.57
C ALA A 310 -15.29 -12.34 -26.40
N ARG A 311 -15.39 -12.24 -27.73
CA ARG A 311 -14.26 -12.48 -28.60
C ARG A 311 -13.16 -11.44 -28.32
N CYS A 312 -13.56 -10.18 -28.21
CA CYS A 312 -12.62 -9.08 -28.13
C CYS A 312 -11.79 -9.19 -26.83
N TRP A 313 -12.50 -9.37 -25.72
CA TRP A 313 -11.80 -9.41 -24.41
C TRP A 313 -11.05 -10.72 -24.21
N THR A 314 -11.52 -11.83 -24.79
CA THR A 314 -10.74 -13.06 -24.79
C THR A 314 -9.41 -12.83 -25.51
N TYR A 315 -9.51 -12.27 -26.73
CA TYR A 315 -8.29 -12.06 -27.52
C TYR A 315 -7.37 -11.06 -26.80
N GLU A 316 -7.92 -10.01 -26.19
CA GLU A 316 -7.07 -8.99 -25.51
C GLU A 316 -6.41 -9.60 -24.27
N THR A 317 -7.06 -10.55 -23.60
CA THR A 317 -6.42 -11.28 -22.49
C THR A 317 -5.23 -12.07 -23.05
N ALA A 318 -5.43 -12.75 -24.18
CA ALA A 318 -4.34 -13.50 -24.80
C ALA A 318 -3.17 -12.59 -25.17
N VAL A 319 -3.48 -11.41 -25.71
CA VAL A 319 -2.46 -10.41 -26.02
C VAL A 319 -1.68 -10.05 -24.76
N ALA A 320 -2.36 -9.77 -23.65
CA ALA A 320 -1.70 -9.46 -22.38
C ALA A 320 -0.76 -10.60 -21.98
N LEU A 321 -1.14 -11.84 -22.25
CA LEU A 321 -0.35 -13.01 -21.87
C LEU A 321 0.69 -13.36 -22.94
N ASP A 322 0.80 -12.56 -23.99
CA ASP A 322 1.69 -12.83 -25.11
C ASP A 322 1.51 -14.23 -25.72
N CYS A 323 0.24 -14.63 -25.82
CA CYS A 323 -0.21 -15.98 -26.19
C CYS A 323 -1.01 -15.84 -27.49
N GLU A 324 -0.67 -16.54 -28.56
CA GLU A 324 -1.60 -16.55 -29.67
C GLU A 324 -2.59 -17.68 -29.34
N ILE A 325 -3.84 -17.49 -29.73
CA ILE A 325 -4.83 -18.54 -29.56
C ILE A 325 -5.48 -18.78 -30.93
N PRO A 326 -5.92 -19.98 -31.19
CA PRO A 326 -6.51 -20.34 -32.50
C PRO A 326 -7.80 -19.57 -32.82
N ASN A 327 -8.01 -19.35 -34.10
CA ASN A 327 -9.23 -18.72 -34.59
C ASN A 327 -10.43 -19.66 -34.38
N GLU A 328 -10.21 -20.95 -34.46
CA GLU A 328 -11.30 -21.94 -34.22
C GLU A 328 -11.72 -21.87 -32.75
N LEU A 329 -12.98 -21.52 -32.46
CA LEU A 329 -13.35 -21.39 -31.05
C LEU A 329 -13.44 -22.77 -30.38
N PRO A 330 -12.98 -22.87 -29.12
CA PRO A 330 -13.17 -24.09 -28.39
C PRO A 330 -14.65 -24.22 -28.00
N TYR A 331 -15.10 -25.45 -27.82
CA TYR A 331 -16.44 -25.61 -27.24
C TYR A 331 -16.52 -24.85 -25.91
N ASN A 332 -17.71 -24.31 -25.61
CA ASN A 332 -17.93 -23.54 -24.43
C ASN A 332 -19.43 -23.47 -24.12
N ASP A 333 -19.76 -22.94 -22.96
CA ASP A 333 -21.18 -22.96 -22.49
C ASP A 333 -22.13 -22.06 -23.29
N TYR A 334 -21.55 -21.19 -24.10
CA TYR A 334 -22.28 -20.25 -24.96
C TYR A 334 -21.98 -20.46 -26.43
N PHE A 335 -21.58 -21.68 -26.82
CA PHE A 335 -21.05 -21.88 -28.17
C PHE A 335 -22.03 -21.41 -29.28
N GLU A 336 -23.33 -21.66 -29.11
CA GLU A 336 -24.35 -21.30 -30.10
C GLU A 336 -24.35 -19.78 -30.35
N TYR A 337 -23.91 -18.96 -29.40
CA TYR A 337 -23.84 -17.48 -29.57
C TYR A 337 -22.85 -17.07 -30.68
N PHE A 338 -21.92 -17.97 -31.07
CA PHE A 338 -20.81 -17.61 -31.93
C PHE A 338 -21.05 -18.07 -33.36
N GLY A 339 -22.23 -18.58 -33.69
CA GLY A 339 -22.56 -18.85 -35.06
C GLY A 339 -22.66 -17.57 -35.87
N PRO A 340 -22.65 -17.67 -37.19
CA PRO A 340 -22.65 -18.93 -37.90
C PRO A 340 -21.26 -19.56 -38.14
N ASP A 341 -20.22 -18.84 -37.80
CA ASP A 341 -18.84 -19.19 -38.18
C ASP A 341 -18.02 -19.87 -37.05
N PHE A 342 -18.34 -19.58 -35.80
CA PHE A 342 -17.67 -20.16 -34.62
C PHE A 342 -16.15 -19.88 -34.68
N LYS A 343 -15.82 -18.68 -35.13
CA LYS A 343 -14.42 -18.17 -35.16
C LYS A 343 -14.28 -17.07 -34.11
N LEU A 344 -13.03 -16.85 -33.68
CA LEU A 344 -12.70 -15.81 -32.74
C LEU A 344 -12.74 -14.43 -33.40
N HIS A 345 -12.19 -14.35 -34.60
CA HIS A 345 -11.96 -13.07 -35.29
C HIS A 345 -13.20 -12.72 -36.11
N ILE A 346 -13.41 -11.41 -36.32
CA ILE A 346 -14.55 -10.90 -37.03
C ILE A 346 -14.09 -10.15 -38.27
N SER A 347 -14.97 -10.11 -39.26
CA SER A 347 -14.72 -9.36 -40.48
C SER A 347 -15.31 -7.96 -40.39
N PRO A 348 -14.69 -6.99 -41.05
CA PRO A 348 -15.32 -5.67 -41.07
C PRO A 348 -16.55 -5.72 -41.99
N SER A 349 -17.44 -4.74 -41.86
CA SER A 349 -18.57 -4.57 -42.78
C SER A 349 -18.15 -3.68 -43.95
N ASN A 350 -19.06 -3.53 -44.92
CA ASN A 350 -18.85 -2.65 -46.05
C ASN A 350 -19.28 -1.21 -45.74
N MET A 351 -19.51 -0.84 -44.50
CA MET A 351 -19.93 0.55 -44.20
C MET A 351 -18.85 1.55 -44.66
N THR A 352 -19.30 2.71 -45.11
CA THR A 352 -18.38 3.78 -45.54
C THR A 352 -17.58 4.30 -44.35
N ASN A 353 -16.29 4.52 -44.57
CA ASN A 353 -15.46 5.19 -43.59
C ASN A 353 -15.53 6.70 -43.83
N GLN A 354 -16.20 7.43 -42.94
CA GLN A 354 -16.41 8.88 -43.08
C GLN A 354 -15.12 9.66 -42.70
N ASN A 355 -14.15 9.00 -42.10
CA ASN A 355 -12.89 9.60 -41.72
C ASN A 355 -11.91 9.56 -42.89
N THR A 356 -11.81 10.64 -43.60
CA THR A 356 -10.88 10.69 -44.73
C THR A 356 -9.44 10.67 -44.22
N PRO A 357 -8.51 10.20 -45.05
CA PRO A 357 -7.08 10.27 -44.71
C PRO A 357 -6.66 11.68 -44.28
N GLU A 358 -7.12 12.70 -45.02
CA GLU A 358 -6.76 14.05 -44.73
C GLU A 358 -7.33 14.48 -43.40
N TYR A 359 -8.55 14.07 -43.09
CA TYR A 359 -9.17 14.42 -41.79
C TYR A 359 -8.32 13.85 -40.65
N MET A 360 -8.02 12.57 -40.75
CA MET A 360 -7.27 11.85 -39.72
CA MET A 360 -7.26 11.86 -39.72
C MET A 360 -5.91 12.54 -39.50
N GLU A 361 -5.20 12.84 -40.59
CA GLU A 361 -3.87 13.47 -40.49
C GLU A 361 -3.96 14.91 -39.97
N LYS A 362 -4.96 15.69 -40.38
CA LYS A 362 -5.09 17.06 -39.87
C LYS A 362 -5.32 17.05 -38.35
N ILE A 363 -6.19 16.17 -37.87
CA ILE A 363 -6.47 16.08 -36.40
C ILE A 363 -5.21 15.63 -35.66
N LYS A 364 -4.52 14.61 -36.18
CA LYS A 364 -3.28 14.15 -35.57
C LYS A 364 -2.28 15.31 -35.49
N GLN A 365 -2.18 16.11 -36.54
CA GLN A 365 -1.24 17.22 -36.56
C GLN A 365 -1.58 18.24 -35.47
N ARG A 366 -2.87 18.54 -35.28
CA ARG A 366 -3.28 19.46 -34.21
CA ARG A 366 -3.29 19.44 -34.21
C ARG A 366 -2.90 18.84 -32.85
N LEU A 367 -3.15 17.54 -32.65
CA LEU A 367 -2.81 16.93 -31.34
C LEU A 367 -1.28 16.92 -31.11
N PHE A 368 -0.50 16.74 -32.17
CA PHE A 368 0.96 16.78 -32.06
C PHE A 368 1.39 18.17 -31.59
N GLU A 369 0.81 19.22 -32.16
CA GLU A 369 1.14 20.60 -31.78
C GLU A 369 0.83 20.82 -30.29
N ASN A 370 -0.30 20.29 -29.81
CA ASN A 370 -0.67 20.43 -28.39
C ASN A 370 0.31 19.65 -27.51
N LEU A 371 0.72 18.46 -27.96
CA LEU A 371 1.63 17.65 -27.14
C LEU A 371 3.00 18.33 -27.06
N ARG A 372 3.40 19.04 -28.12
CA ARG A 372 4.69 19.73 -28.12
C ARG A 372 4.68 20.89 -27.10
N MET A 373 3.52 21.28 -26.59
CA MET A 373 3.42 22.35 -25.58
C MET A 373 3.82 21.85 -24.19
N LEU A 374 3.97 20.54 -24.01
CA LEU A 374 4.37 20.00 -22.71
C LEU A 374 5.82 20.44 -22.44
N PRO A 375 6.16 20.64 -21.15
CA PRO A 375 7.30 21.40 -20.63
C PRO A 375 8.42 21.63 -21.67
N GLN B 5 -34.86 -38.72 3.85
CA GLN B 5 -34.18 -39.80 4.63
C GLN B 5 -32.78 -39.37 5.06
N GLY B 6 -32.23 -38.37 4.39
CA GLY B 6 -31.03 -37.70 4.86
C GLY B 6 -29.79 -38.56 4.72
N GLY B 7 -29.54 -39.08 3.52
CA GLY B 7 -28.25 -39.68 3.16
C GLY B 7 -27.59 -38.93 2.01
N GLY B 8 -26.79 -39.66 1.24
CA GLY B 8 -26.31 -39.22 -0.05
C GLY B 8 -24.94 -38.58 0.05
N LYS B 9 -24.23 -38.60 -1.08
CA LYS B 9 -22.98 -37.90 -1.22
C LYS B 9 -23.27 -36.40 -1.33
N LYS B 10 -22.37 -35.56 -0.85
CA LYS B 10 -22.70 -34.14 -0.77
C LYS B 10 -21.85 -33.35 -1.77
N LYS B 11 -22.37 -32.21 -2.19
CA LYS B 11 -21.55 -31.28 -2.95
C LYS B 11 -20.63 -30.49 -1.99
N VAL B 12 -19.33 -30.45 -2.34
CA VAL B 12 -18.31 -29.80 -1.53
C VAL B 12 -17.67 -28.66 -2.32
N CYS B 13 -17.67 -27.49 -1.73
CA CYS B 13 -16.94 -26.33 -2.27
C CYS B 13 -15.72 -26.02 -1.37
N TYR B 14 -14.55 -25.83 -1.96
CA TYR B 14 -13.28 -25.75 -1.20
C TYR B 14 -12.59 -24.42 -1.55
N TYR B 15 -12.19 -23.70 -0.50
CA TYR B 15 -11.63 -22.34 -0.63
C TYR B 15 -10.13 -22.37 -0.36
N TYR B 16 -9.38 -21.83 -1.28
CA TYR B 16 -7.91 -21.85 -1.16
C TYR B 16 -7.30 -20.71 -1.97
N ASP B 17 -6.39 -19.99 -1.33
CA ASP B 17 -5.55 -19.06 -2.03
C ASP B 17 -4.09 -19.46 -1.94
N GLY B 18 -3.50 -19.72 -3.10
CA GLY B 18 -2.09 -20.14 -3.25
C GLY B 18 -1.11 -19.19 -2.54
N ASP B 19 -1.48 -17.94 -2.30
CA ASP B 19 -0.57 -17.01 -1.60
C ASP B 19 -0.43 -17.27 -0.07
N ILE B 20 -1.38 -18.01 0.47
CA ILE B 20 -1.49 -18.25 1.91
C ILE B 20 -0.20 -18.86 2.46
N GLY B 21 0.49 -19.69 1.68
CA GLY B 21 1.67 -20.38 2.18
C GLY B 21 2.88 -19.47 2.36
N ASN B 22 2.85 -18.26 1.80
CA ASN B 22 3.98 -17.35 1.82
C ASN B 22 3.94 -16.38 3.01
N TYR B 23 2.90 -16.37 3.83
CA TYR B 23 2.88 -15.56 5.04
C TYR B 23 3.73 -16.25 6.11
N TYR B 24 4.52 -15.47 6.83
CA TYR B 24 5.50 -16.00 7.75
C TYR B 24 5.39 -15.26 9.10
N TYR B 25 5.08 -15.99 10.17
CA TYR B 25 4.90 -15.35 11.48
C TYR B 25 6.23 -14.92 12.08
N GLY B 26 7.37 -15.41 11.61
CA GLY B 26 8.66 -14.99 12.12
C GLY B 26 9.46 -16.16 12.63
N GLN B 27 10.76 -15.93 12.80
CA GLN B 27 11.71 -16.99 13.18
C GLN B 27 11.29 -17.60 14.52
N GLY B 28 11.13 -18.92 14.54
CA GLY B 28 10.86 -19.64 15.77
C GLY B 28 9.39 -19.71 16.10
N HIS B 29 8.52 -18.98 15.39
CA HIS B 29 7.11 -19.00 15.70
C HIS B 29 6.52 -20.32 15.18
N PRO B 30 5.81 -21.08 16.04
CA PRO B 30 5.28 -22.38 15.66
C PRO B 30 4.16 -22.38 14.60
N MET B 31 3.48 -21.25 14.39
CA MET B 31 2.34 -21.20 13.43
C MET B 31 2.92 -20.99 12.02
N LYS B 32 2.70 -21.98 11.13
CA LYS B 32 3.34 -22.06 9.80
C LYS B 32 2.25 -22.13 8.72
N PRO B 33 1.85 -20.98 8.18
CA PRO B 33 0.77 -20.99 7.16
C PRO B 33 1.05 -21.90 5.94
N HIS B 34 2.33 -22.18 5.69
CA HIS B 34 2.81 -23.15 4.69
C HIS B 34 2.10 -24.51 4.82
N ARG B 35 1.68 -24.89 6.02
CA ARG B 35 0.99 -26.17 6.20
C ARG B 35 -0.31 -26.23 5.37
N ILE B 36 -0.88 -25.07 5.05
CA ILE B 36 -2.13 -25.04 4.24
C ILE B 36 -1.79 -25.37 2.78
N ARG B 37 -0.66 -24.86 2.30
CA ARG B 37 -0.17 -25.16 0.96
C ARG B 37 0.22 -26.64 0.85
N MET B 38 0.85 -27.19 1.88
CA MET B 38 1.17 -28.62 1.91
C MET B 38 -0.10 -29.47 1.84
N THR B 39 -1.14 -29.09 2.59
CA THR B 39 -2.42 -29.79 2.58
C THR B 39 -3.01 -29.77 1.16
N HIS B 40 -3.05 -28.57 0.57
CA HIS B 40 -3.58 -28.41 -0.77
C HIS B 40 -2.83 -29.30 -1.78
N ASN B 41 -1.51 -29.27 -1.72
CA ASN B 41 -0.69 -30.01 -2.67
C ASN B 41 -0.93 -31.52 -2.51
N LEU B 42 -1.08 -31.96 -1.28
CA LEU B 42 -1.29 -33.38 -1.07
C LEU B 42 -2.64 -33.78 -1.65
N LEU B 43 -3.68 -33.01 -1.39
CA LEU B 43 -4.97 -33.47 -1.83
C LEU B 43 -5.09 -33.33 -3.35
N LEU B 44 -4.38 -32.36 -3.98
CA LEU B 44 -4.35 -32.28 -5.43
C LEU B 44 -3.72 -33.57 -6.00
N ASN B 45 -2.67 -34.03 -5.33
CA ASN B 45 -1.95 -35.19 -5.84
C ASN B 45 -2.74 -36.47 -5.62
N TYR B 46 -3.70 -36.45 -4.71
CA TYR B 46 -4.62 -37.60 -4.55
C TYR B 46 -5.75 -37.53 -5.57
N GLY B 47 -5.85 -36.43 -6.30
CA GLY B 47 -6.87 -36.31 -7.35
C GLY B 47 -8.21 -35.75 -6.82
N LEU B 48 -8.28 -35.23 -5.61
CA LEU B 48 -9.59 -34.82 -5.02
C LEU B 48 -10.19 -33.57 -5.70
N TYR B 49 -9.41 -32.79 -6.42
CA TYR B 49 -9.90 -31.65 -7.21
C TYR B 49 -10.90 -32.11 -8.27
N ARG B 50 -10.86 -33.38 -8.66
CA ARG B 50 -11.82 -33.89 -9.65
C ARG B 50 -13.24 -33.99 -9.06
N LYS B 51 -13.38 -33.97 -7.74
CA LYS B 51 -14.66 -34.28 -7.09
C LYS B 51 -15.22 -33.08 -6.34
N MET B 52 -14.54 -31.94 -6.34
CA MET B 52 -15.07 -30.78 -5.60
C MET B 52 -14.78 -29.50 -6.39
N GLU B 53 -15.51 -28.46 -6.08
CA GLU B 53 -15.31 -27.20 -6.76
C GLU B 53 -14.29 -26.42 -5.93
N ILE B 54 -13.26 -25.90 -6.58
CA ILE B 54 -12.22 -25.18 -5.86
C ILE B 54 -12.34 -23.69 -6.21
N TYR B 55 -12.48 -22.85 -5.20
CA TYR B 55 -12.70 -21.40 -5.30
C TYR B 55 -11.55 -20.65 -4.63
N ARG B 56 -11.15 -19.54 -5.21
CA ARG B 56 -10.22 -18.67 -4.54
C ARG B 56 -11.04 -17.64 -3.76
N PRO B 57 -10.82 -17.54 -2.46
CA PRO B 57 -11.66 -16.58 -1.73
C PRO B 57 -11.29 -15.14 -2.08
N HIS B 58 -12.26 -14.23 -1.88
CA HIS B 58 -12.00 -12.81 -1.94
C HIS B 58 -11.24 -12.40 -0.67
N LYS B 59 -10.62 -11.25 -0.71
CA LYS B 59 -10.10 -10.61 0.50
C LYS B 59 -11.24 -9.90 1.24
N ALA B 60 -11.56 -10.34 2.44
CA ALA B 60 -12.58 -9.69 3.26
C ALA B 60 -12.15 -8.24 3.50
N THR B 61 -13.08 -7.29 3.45
CA THR B 61 -12.75 -5.88 3.67
C THR B 61 -12.87 -5.50 5.15
N ALA B 62 -12.30 -4.35 5.48
CA ALA B 62 -12.43 -3.77 6.85
C ALA B 62 -13.89 -3.67 7.27
N GLU B 63 -14.74 -3.18 6.37
CA GLU B 63 -16.21 -3.17 6.50
C GLU B 63 -16.66 -4.54 7.02
N GLU B 64 -16.34 -5.61 6.28
CA GLU B 64 -16.84 -6.96 6.59
C GLU B 64 -16.40 -7.35 8.01
N MET B 65 -15.17 -6.99 8.36
CA MET B 65 -14.60 -7.44 9.63
C MET B 65 -15.27 -6.71 10.79
N THR B 66 -15.74 -5.48 10.56
CA THR B 66 -16.37 -4.72 11.62
C THR B 66 -17.84 -5.12 11.83
N LYS B 67 -18.34 -6.15 11.14
CA LYS B 67 -19.61 -6.76 11.57
C LYS B 67 -19.43 -7.36 12.97
N TYR B 68 -18.21 -7.66 13.38
CA TYR B 68 -17.97 -8.13 14.74
C TYR B 68 -16.92 -7.26 15.45
N HIS B 69 -15.77 -7.06 14.83
CA HIS B 69 -14.67 -6.39 15.48
C HIS B 69 -14.87 -4.88 15.54
N SER B 70 -14.25 -4.27 16.54
CA SER B 70 -14.34 -2.84 16.71
C SER B 70 -13.57 -2.12 15.59
N ASP B 71 -14.08 -0.96 15.21
CA ASP B 71 -13.44 -0.13 14.20
C ASP B 71 -12.00 0.19 14.57
N GLU B 72 -11.73 0.49 15.84
CA GLU B 72 -10.39 0.95 16.24
C GLU B 72 -9.38 -0.21 16.09
N TYR B 73 -9.80 -1.41 16.41
CA TYR B 73 -8.92 -2.57 16.33
C TYR B 73 -8.63 -2.91 14.85
N ILE B 74 -9.66 -2.90 14.03
CA ILE B 74 -9.47 -3.20 12.60
C ILE B 74 -8.62 -2.10 11.94
N LYS B 75 -8.84 -0.84 12.30
CA LYS B 75 -8.04 0.26 11.74
C LYS B 75 -6.55 0.04 12.10
N PHE B 76 -6.29 -0.39 13.33
CA PHE B 76 -4.93 -0.72 13.76
C PHE B 76 -4.36 -1.88 12.93
N LEU B 77 -5.10 -2.98 12.79
CA LEU B 77 -4.57 -4.14 12.03
C LEU B 77 -4.25 -3.74 10.58
N ARG B 78 -5.06 -2.84 10.00
CA ARG B 78 -4.87 -2.27 8.63
C ARG B 78 -3.61 -1.40 8.50
N SER B 79 -3.11 -0.85 9.60
CA SER B 79 -2.05 0.17 9.59
C SER B 79 -0.69 -0.39 10.05
N ILE B 80 -0.69 -1.37 10.95
CA ILE B 80 0.56 -1.75 11.65
C ILE B 80 1.42 -2.60 10.72
N ARG B 81 2.72 -2.29 10.66
CA ARG B 81 3.69 -2.99 9.81
C ARG B 81 5.02 -3.09 10.57
N PRO B 82 5.88 -4.07 10.21
CA PRO B 82 7.20 -4.14 10.87
C PRO B 82 8.00 -2.83 10.82
N ASP B 83 7.88 -2.06 9.74
CA ASP B 83 8.59 -0.79 9.63
C ASP B 83 8.02 0.39 10.44
N ASN B 84 6.76 0.36 10.90
CA ASN B 84 6.22 1.52 11.66
C ASN B 84 5.88 1.09 13.10
N MET B 85 6.36 -0.09 13.47
CA MET B 85 6.05 -0.78 14.73
C MET B 85 6.43 0.09 15.94
N SER B 86 7.59 0.74 15.82
CA SER B 86 8.16 1.45 16.95
C SER B 86 7.30 2.68 17.29
N GLU B 87 6.42 3.09 16.39
CA GLU B 87 5.55 4.26 16.59
C GLU B 87 4.19 3.83 17.17
N TYR B 88 3.94 2.53 17.29
CA TYR B 88 2.64 2.03 17.69
C TYR B 88 2.75 1.24 18.99
N SER B 89 3.77 1.48 19.80
CA SER B 89 4.11 0.57 20.91
C SER B 89 2.94 0.47 21.92
N LYS B 90 2.23 1.58 22.14
CA LYS B 90 1.07 1.64 23.06
C LYS B 90 -0.10 0.84 22.49
N GLN B 91 -0.36 1.05 21.20
CA GLN B 91 -1.48 0.42 20.54
C GLN B 91 -1.25 -1.09 20.47
N MET B 92 0.01 -1.48 20.27
CA MET B 92 0.30 -2.91 20.21
C MET B 92 -0.09 -3.58 21.55
N GLN B 93 0.20 -2.94 22.67
CA GLN B 93 -0.14 -3.53 23.97
C GLN B 93 -1.66 -3.58 24.14
N ARG B 94 -2.36 -2.51 23.79
CA ARG B 94 -3.81 -2.47 23.95
C ARG B 94 -4.47 -3.60 23.16
N PHE B 95 -3.96 -3.92 21.96
CA PHE B 95 -4.60 -4.87 21.05
C PHE B 95 -3.93 -6.26 21.14
N ASN B 96 -2.99 -6.42 22.06
CA ASN B 96 -2.31 -7.70 22.32
C ASN B 96 -1.56 -8.19 21.07
N VAL B 97 -0.92 -7.25 20.36
CA VAL B 97 -0.11 -7.62 19.26
C VAL B 97 1.37 -7.42 19.63
N GLY B 98 2.22 -8.29 19.10
CA GLY B 98 3.66 -8.03 19.01
C GLY B 98 4.50 -9.04 19.78
N GLU B 99 3.90 -10.08 20.33
CA GLU B 99 4.64 -11.15 20.99
C GLU B 99 4.10 -12.50 20.49
N ASP B 100 3.10 -13.07 21.18
CA ASP B 100 2.43 -14.27 20.71
C ASP B 100 1.77 -14.06 19.35
N CYS B 101 1.28 -12.83 19.13
CA CYS B 101 0.59 -12.44 17.91
C CYS B 101 1.44 -11.38 17.22
N PRO B 102 2.51 -11.80 16.52
CA PRO B 102 3.48 -10.81 16.05
C PRO B 102 2.95 -9.93 14.90
N VAL B 103 3.64 -8.84 14.68
CA VAL B 103 3.49 -8.08 13.46
C VAL B 103 4.39 -8.72 12.40
N PHE B 104 3.82 -9.18 11.30
CA PHE B 104 4.60 -9.69 10.17
C PHE B 104 4.13 -9.03 8.87
N ASP B 105 5.00 -9.11 7.86
CA ASP B 105 4.71 -8.59 6.53
C ASP B 105 3.43 -9.29 5.99
N GLY B 106 2.43 -8.47 5.66
CA GLY B 106 1.20 -8.98 5.05
C GLY B 106 0.18 -9.46 6.07
N LEU B 107 0.35 -9.08 7.35
CA LEU B 107 -0.56 -9.54 8.40
C LEU B 107 -2.02 -9.26 8.03
N PHE B 108 -2.32 -8.05 7.58
CA PHE B 108 -3.73 -7.75 7.33
C PHE B 108 -4.24 -8.59 6.16
N GLU B 109 -3.43 -8.73 5.11
CA GLU B 109 -3.81 -9.53 3.95
C GLU B 109 -4.05 -10.99 4.35
N PHE B 110 -3.23 -11.52 5.27
CA PHE B 110 -3.46 -12.86 5.81
C PHE B 110 -4.85 -12.94 6.48
N CYS B 111 -5.19 -11.93 7.28
CA CYS B 111 -6.49 -11.88 7.89
C CYS B 111 -7.61 -11.83 6.84
N GLN B 112 -7.39 -11.05 5.81
CA GLN B 112 -8.40 -10.86 4.74
C GLN B 112 -8.69 -12.19 4.03
N LEU B 113 -7.65 -12.98 3.77
CA LEU B 113 -7.75 -14.24 3.01
C LEU B 113 -8.36 -15.34 3.88
N SER B 114 -7.88 -15.44 5.11
CA SER B 114 -8.42 -16.34 6.10
C SER B 114 -9.93 -16.12 6.28
N THR B 115 -10.32 -14.88 6.53
CA THR B 115 -11.71 -14.50 6.72
C THR B 115 -12.52 -14.66 5.43
N GLY B 116 -11.96 -14.24 4.30
CA GLY B 116 -12.70 -14.31 3.03
C GLY B 116 -13.18 -15.73 2.73
N GLY B 117 -12.33 -16.71 3.00
CA GLY B 117 -12.68 -18.11 2.76
C GLY B 117 -13.86 -18.54 3.61
N SER B 118 -13.88 -18.10 4.89
CA SER B 118 -14.91 -18.53 5.79
C SER B 118 -16.26 -17.88 5.45
N VAL B 119 -16.24 -16.58 5.22
CA VAL B 119 -17.44 -15.85 4.87
C VAL B 119 -17.93 -16.30 3.49
N ALA B 120 -17.04 -16.48 2.52
CA ALA B 120 -17.45 -16.96 1.17
C ALA B 120 -18.17 -18.31 1.27
N GLY B 121 -17.62 -19.19 2.09
CA GLY B 121 -18.22 -20.53 2.35
C GLY B 121 -19.63 -20.39 2.92
N ALA B 122 -19.75 -19.54 3.92
CA ALA B 122 -21.04 -19.28 4.55
C ALA B 122 -22.06 -18.74 3.54
N VAL B 123 -21.64 -17.84 2.63
CA VAL B 123 -22.57 -17.30 1.64
C VAL B 123 -23.02 -18.43 0.72
N LYS B 124 -22.09 -19.26 0.30
CA LYS B 124 -22.43 -20.35 -0.60
C LYS B 124 -23.45 -21.30 0.06
N LEU B 125 -23.29 -21.55 1.35
CA LEU B 125 -24.25 -22.39 2.09
C LEU B 125 -25.61 -21.70 2.20
N ASN B 126 -25.64 -20.41 2.54
CA ASN B 126 -26.86 -19.63 2.60
C ASN B 126 -27.64 -19.70 1.29
N ARG B 127 -26.94 -19.68 0.16
CA ARG B 127 -27.59 -19.64 -1.12
C ARG B 127 -27.99 -21.05 -1.60
N GLN B 128 -27.74 -22.07 -0.80
CA GLN B 128 -28.06 -23.47 -1.10
C GLN B 128 -27.35 -23.90 -2.40
N GLN B 129 -26.11 -23.43 -2.60
CA GLN B 129 -25.32 -23.80 -3.78
C GLN B 129 -24.29 -24.88 -3.43
N THR B 130 -24.17 -25.21 -2.16
CA THR B 130 -23.33 -26.30 -1.74
C THR B 130 -23.91 -26.93 -0.48
N ASP B 131 -23.53 -28.17 -0.21
CA ASP B 131 -23.86 -28.84 1.06
C ASP B 131 -22.78 -28.64 2.11
N MET B 132 -21.52 -28.60 1.68
CA MET B 132 -20.38 -28.42 2.54
C MET B 132 -19.46 -27.36 1.94
N ALA B 133 -18.87 -26.53 2.78
CA ALA B 133 -17.82 -25.61 2.34
C ALA B 133 -16.62 -25.83 3.25
N VAL B 134 -15.42 -25.75 2.71
CA VAL B 134 -14.21 -26.05 3.43
C VAL B 134 -13.25 -24.86 3.29
N ASN B 135 -12.74 -24.38 4.42
CA ASN B 135 -11.71 -23.36 4.41
C ASN B 135 -10.63 -23.73 5.42
N TRP B 136 -9.58 -24.45 4.97
CA TRP B 136 -8.53 -24.88 5.93
C TRP B 136 -7.67 -23.73 6.45
N ALA B 137 -7.70 -22.57 5.79
CA ALA B 137 -7.00 -21.38 6.26
C ALA B 137 -7.75 -20.65 7.38
N GLY B 138 -8.96 -21.08 7.71
CA GLY B 138 -9.79 -20.48 8.75
C GLY B 138 -9.65 -21.18 10.09
N GLY B 139 -10.60 -20.87 10.96
CA GLY B 139 -10.68 -21.46 12.28
C GLY B 139 -9.95 -20.67 13.35
N LEU B 140 -9.82 -19.35 13.21
CA LEU B 140 -8.99 -18.59 14.16
C LEU B 140 -9.80 -18.20 15.42
N HIS B 141 -10.05 -19.22 16.23
CA HIS B 141 -11.10 -19.22 17.28
C HIS B 141 -10.79 -18.33 18.49
N HIS B 142 -9.56 -17.84 18.69
CA HIS B 142 -9.22 -17.06 19.88
C HIS B 142 -9.39 -15.56 19.68
N ALA B 143 -9.55 -15.06 18.45
CA ALA B 143 -9.56 -13.63 18.24
C ALA B 143 -10.78 -13.02 18.95
N LYS B 144 -10.60 -11.87 19.57
CA LYS B 144 -11.66 -11.22 20.33
C LYS B 144 -12.12 -9.94 19.61
N LYS B 145 -13.20 -9.35 20.11
CA LYS B 145 -13.79 -8.19 19.44
C LYS B 145 -12.75 -7.09 19.21
N SER B 146 -11.91 -6.83 20.21
CA SER B 146 -10.98 -5.71 20.13
C SER B 146 -9.57 -6.12 20.54
N GLU B 147 -9.21 -7.36 20.33
CA GLU B 147 -7.91 -7.84 20.77
C GLU B 147 -7.52 -9.12 20.02
N ALA B 148 -6.24 -9.20 19.64
CA ALA B 148 -5.65 -10.43 19.12
C ALA B 148 -5.40 -11.39 20.30
N SER B 149 -5.35 -12.66 20.00
CA SER B 149 -5.02 -13.63 21.05
C SER B 149 -4.60 -14.95 20.41
N GLY B 150 -3.55 -15.58 20.96
CA GLY B 150 -3.28 -16.98 20.61
C GLY B 150 -3.03 -17.19 19.11
N PHE B 151 -2.28 -16.27 18.51
CA PHE B 151 -1.89 -16.32 17.11
C PHE B 151 -3.06 -15.89 16.20
N CYS B 152 -4.18 -15.48 16.75
CA CYS B 152 -5.38 -15.17 15.96
C CYS B 152 -5.67 -13.67 16.02
N TYR B 153 -5.97 -13.04 14.89
CA TYR B 153 -6.17 -11.59 14.86
C TYR B 153 -7.63 -11.26 14.54
N VAL B 154 -8.18 -11.90 13.51
CA VAL B 154 -9.56 -11.66 13.12
C VAL B 154 -10.32 -12.98 13.25
N ASN B 155 -11.49 -12.91 13.87
CA ASN B 155 -12.24 -14.13 14.15
C ASN B 155 -13.13 -14.47 12.94
N ASP B 156 -12.52 -15.19 11.99
CA ASP B 156 -13.20 -15.64 10.77
C ASP B 156 -14.47 -16.45 11.09
N ILE B 157 -14.42 -17.21 12.17
CA ILE B 157 -15.51 -18.10 12.55
C ILE B 157 -16.74 -17.29 12.95
N VAL B 158 -16.52 -16.30 13.81
CA VAL B 158 -17.59 -15.44 14.25
C VAL B 158 -18.22 -14.74 13.04
N LEU B 159 -17.39 -14.23 12.14
CA LEU B 159 -17.87 -13.53 10.95
C LEU B 159 -18.70 -14.46 10.07
N ALA B 160 -18.26 -15.71 9.92
CA ALA B 160 -18.97 -16.67 9.11
C ALA B 160 -20.30 -17.04 9.76
N ILE B 161 -20.33 -17.17 11.08
CA ILE B 161 -21.56 -17.52 11.76
C ILE B 161 -22.56 -16.37 11.64
N LEU B 162 -22.08 -15.13 11.78
CA LEU B 162 -22.96 -13.96 11.59
C LEU B 162 -23.57 -13.97 10.18
N GLU B 163 -22.81 -14.40 9.16
CA GLU B 163 -23.34 -14.54 7.81
C GLU B 163 -24.43 -15.64 7.79
N LEU B 164 -24.17 -16.81 8.38
CA LEU B 164 -25.19 -17.88 8.44
C LEU B 164 -26.47 -17.43 9.15
N LEU B 165 -26.33 -16.64 10.21
CA LEU B 165 -27.47 -16.13 10.98
C LEU B 165 -28.40 -15.23 10.16
N LYS B 166 -27.99 -14.74 8.99
CA LYS B 166 -28.93 -14.02 8.12
C LYS B 166 -30.03 -14.95 7.60
N TYR B 167 -29.76 -16.25 7.45
CA TYR B 167 -30.73 -17.18 6.86
C TYR B 167 -31.09 -18.32 7.82
N HIS B 168 -30.36 -18.49 8.91
CA HIS B 168 -30.53 -19.63 9.83
C HIS B 168 -30.85 -19.13 11.24
N GLN B 169 -31.98 -19.56 11.79
CA GLN B 169 -32.37 -19.09 13.14
C GLN B 169 -31.39 -19.61 14.19
N ARG B 170 -30.91 -20.85 14.01
CA ARG B 170 -30.03 -21.53 14.99
C ARG B 170 -28.80 -22.14 14.29
N VAL B 171 -27.61 -21.78 14.77
CA VAL B 171 -26.35 -22.28 14.23
C VAL B 171 -25.59 -23.01 15.34
N LEU B 172 -25.09 -24.19 15.00
CA LEU B 172 -24.27 -24.99 15.93
C LEU B 172 -22.80 -24.86 15.55
N TYR B 173 -21.97 -24.52 16.51
CA TYR B 173 -20.55 -24.47 16.36
C TYR B 173 -19.89 -25.58 17.19
N ILE B 174 -19.02 -26.36 16.56
CA ILE B 174 -18.33 -27.48 17.22
C ILE B 174 -16.83 -27.29 16.98
N ASP B 175 -16.03 -27.44 18.04
CA ASP B 175 -14.61 -27.14 17.99
C ASP B 175 -13.76 -28.29 18.58
N ILE B 176 -12.99 -29.01 17.75
CA ILE B 176 -12.20 -30.16 18.17
C ILE B 176 -10.71 -29.82 18.17
N ASP B 177 -10.34 -28.55 17.97
CA ASP B 177 -9.01 -28.06 18.36
C ASP B 177 -8.71 -28.49 19.80
N ILE B 178 -7.44 -28.74 20.13
CA ILE B 178 -7.08 -29.03 21.51
C ILE B 178 -7.39 -27.86 22.44
N HIS B 179 -7.44 -26.61 21.93
CA HIS B 179 -7.65 -25.40 22.76
C HIS B 179 -9.13 -25.05 22.80
N HIS B 180 -9.54 -24.49 23.94
CA HIS B 180 -10.91 -23.97 24.06
C HIS B 180 -11.15 -22.86 23.04
N GLY B 181 -12.26 -22.95 22.31
CA GLY B 181 -12.68 -21.93 21.36
C GLY B 181 -13.28 -20.70 22.03
N ASP B 182 -12.45 -19.98 22.78
CA ASP B 182 -12.92 -18.94 23.65
C ASP B 182 -13.47 -17.71 22.94
N GLY B 183 -12.88 -17.32 21.82
CA GLY B 183 -13.37 -16.15 21.12
C GLY B 183 -14.75 -16.36 20.52
N VAL B 184 -15.01 -17.58 20.05
CA VAL B 184 -16.31 -17.90 19.49
C VAL B 184 -17.33 -18.00 20.62
N GLU B 185 -16.97 -18.68 21.69
CA GLU B 185 -17.88 -18.78 22.84
C GLU B 185 -18.26 -17.40 23.36
N GLU B 186 -17.26 -16.53 23.48
CA GLU B 186 -17.45 -15.19 24.03
C GLU B 186 -18.43 -14.38 23.17
N ALA B 187 -18.19 -14.36 21.85
CA ALA B 187 -19.06 -13.63 20.92
C ALA B 187 -20.54 -13.99 21.12
N PHE B 188 -20.83 -15.26 21.36
CA PHE B 188 -22.21 -15.74 21.34
C PHE B 188 -22.69 -16.19 22.73
N TYR B 189 -21.98 -15.75 23.77
CA TYR B 189 -22.23 -16.29 25.10
C TYR B 189 -23.62 -15.92 25.62
N THR B 190 -24.20 -14.82 25.15
CA THR B 190 -25.47 -14.34 25.68
C THR B 190 -26.60 -14.51 24.67
N THR B 191 -26.40 -15.34 23.64
CA THR B 191 -27.49 -15.60 22.67
C THR B 191 -27.80 -17.10 22.60
N ASP B 192 -29.05 -17.41 22.36
CA ASP B 192 -29.49 -18.78 22.06
C ASP B 192 -29.46 -19.13 20.55
N ARG B 193 -29.10 -18.14 19.71
CA ARG B 193 -29.09 -18.36 18.26
C ARG B 193 -27.81 -19.06 17.78
N VAL B 194 -26.80 -19.17 18.62
CA VAL B 194 -25.66 -19.99 18.36
C VAL B 194 -25.35 -20.82 19.62
N MET B 195 -25.29 -22.13 19.46
CA MET B 195 -24.79 -23.00 20.51
C MET B 195 -23.33 -23.32 20.19
N THR B 196 -22.44 -23.11 21.17
CA THR B 196 -21.02 -23.40 20.98
C THR B 196 -20.68 -24.65 21.80
N VAL B 197 -19.98 -25.59 21.17
CA VAL B 197 -19.59 -26.83 21.79
C VAL B 197 -18.09 -27.03 21.58
N SER B 198 -17.32 -27.03 22.65
CA SER B 198 -15.89 -27.15 22.55
C SER B 198 -15.41 -28.34 23.39
N PHE B 199 -14.58 -29.16 22.76
CA PHE B 199 -13.85 -30.24 23.41
C PHE B 199 -12.37 -29.82 23.45
N HIS B 200 -11.72 -29.87 24.60
CA HIS B 200 -10.39 -29.24 24.74
C HIS B 200 -9.69 -29.71 26.00
N LYS B 201 -8.39 -29.60 25.94
CA LYS B 201 -7.55 -29.82 27.09
C LYS B 201 -7.82 -28.70 28.09
N TYR B 202 -7.90 -29.06 29.38
CA TYR B 202 -8.29 -28.10 30.39
C TYR B 202 -7.51 -28.42 31.66
N GLY B 203 -6.98 -27.36 32.28
CA GLY B 203 -6.20 -27.44 33.51
C GLY B 203 -4.90 -26.67 33.35
N GLU B 204 -4.91 -25.41 33.75
CA GLU B 204 -3.72 -24.54 33.58
C GLU B 204 -3.17 -24.68 32.14
N TYR B 205 -4.04 -24.62 31.15
CA TYR B 205 -3.63 -24.73 29.74
C TYR B 205 -4.25 -23.57 28.97
N PHE B 206 -3.60 -23.09 27.92
CA PHE B 206 -4.10 -21.96 27.15
C PHE B 206 -5.49 -22.32 26.56
N PRO B 207 -6.46 -21.43 26.62
CA PRO B 207 -6.42 -20.05 27.10
C PRO B 207 -6.85 -19.90 28.57
N GLY B 208 -7.16 -21.01 29.21
CA GLY B 208 -7.47 -21.04 30.62
C GLY B 208 -8.97 -21.04 30.89
N THR B 209 -9.78 -20.97 29.85
CA THR B 209 -11.22 -20.97 29.94
C THR B 209 -11.79 -22.31 29.46
N GLY B 210 -13.12 -22.44 29.44
CA GLY B 210 -13.74 -23.68 28.98
C GLY B 210 -13.99 -24.68 30.11
N ASP B 211 -14.24 -24.18 31.31
CA ASP B 211 -14.67 -25.03 32.40
C ASP B 211 -16.03 -25.65 32.05
N LEU B 212 -16.31 -26.87 32.53
CA LEU B 212 -17.62 -27.52 32.26
CA LEU B 212 -17.58 -27.57 32.39
C LEU B 212 -18.74 -26.67 32.86
N ARG B 213 -18.44 -25.86 33.88
CA ARG B 213 -19.45 -25.03 34.53
C ARG B 213 -19.70 -23.70 33.77
N ASP B 214 -18.98 -23.45 32.68
CA ASP B 214 -19.24 -22.27 31.85
C ASP B 214 -20.30 -22.70 30.83
N ILE B 215 -21.52 -22.21 30.99
CA ILE B 215 -22.68 -22.74 30.26
C ILE B 215 -23.41 -21.63 29.51
N GLY B 216 -22.88 -20.40 29.51
CA GLY B 216 -23.59 -19.27 28.89
C GLY B 216 -24.25 -18.37 29.92
N ALA B 217 -24.84 -17.27 29.45
CA ALA B 217 -25.47 -16.29 30.34
C ALA B 217 -26.65 -15.63 29.64
N GLY B 218 -27.61 -15.20 30.46
CA GLY B 218 -28.80 -14.54 29.96
C GLY B 218 -29.57 -15.48 29.05
N LYS B 219 -29.98 -14.95 27.91
CA LYS B 219 -30.64 -15.73 26.86
C LYS B 219 -29.76 -16.91 26.39
N GLY B 220 -28.43 -16.78 26.52
CA GLY B 220 -27.51 -17.84 26.11
C GLY B 220 -27.26 -18.88 27.19
N LYS B 221 -27.93 -18.78 28.34
CA LYS B 221 -27.68 -19.80 29.38
C LYS B 221 -28.11 -21.16 28.85
N TYR B 222 -27.17 -22.12 28.94
CA TYR B 222 -27.30 -23.52 28.49
C TYR B 222 -26.94 -23.69 27.01
N TYR B 223 -26.49 -22.60 26.36
CA TYR B 223 -26.16 -22.69 24.94
C TYR B 223 -24.64 -22.58 24.73
N ALA B 224 -23.85 -22.73 25.79
CA ALA B 224 -22.43 -22.98 25.66
C ALA B 224 -22.15 -24.32 26.36
N VAL B 225 -21.39 -25.17 25.68
CA VAL B 225 -21.09 -26.52 26.13
C VAL B 225 -19.58 -26.71 26.09
N ASN B 226 -19.02 -27.09 27.23
CA ASN B 226 -17.58 -27.27 27.32
C ASN B 226 -17.27 -28.65 27.86
N PHE B 227 -16.45 -29.43 27.12
CA PHE B 227 -16.00 -30.75 27.54
C PHE B 227 -14.48 -30.68 27.85
N PRO B 228 -14.16 -30.44 29.12
CA PRO B 228 -12.74 -30.39 29.53
C PRO B 228 -12.12 -31.78 29.61
N MET B 229 -10.93 -31.92 29.06
CA MET B 229 -10.20 -33.19 28.96
C MET B 229 -8.77 -33.02 29.49
N ARG B 230 -8.18 -34.15 29.87
CA ARG B 230 -6.80 -34.21 30.31
C ARG B 230 -5.89 -34.70 29.18
N ASP B 231 -4.58 -34.66 29.45
CA ASP B 231 -3.60 -35.15 28.49
C ASP B 231 -3.84 -36.58 28.04
N GLY B 232 -3.50 -36.86 26.80
CA GLY B 232 -3.30 -38.22 26.32
C GLY B 232 -4.58 -38.88 25.83
N ILE B 233 -5.66 -38.11 25.60
CA ILE B 233 -6.89 -38.73 25.16
C ILE B 233 -6.65 -39.44 23.82
N ASP B 234 -7.31 -40.57 23.65
CA ASP B 234 -7.09 -41.43 22.52
C ASP B 234 -8.37 -41.56 21.73
N ASP B 235 -8.28 -42.25 20.59
CA ASP B 235 -9.42 -42.36 19.66
C ASP B 235 -10.69 -42.95 20.32
N GLU B 236 -10.48 -44.01 21.09
CA GLU B 236 -11.58 -44.72 21.75
C GLU B 236 -12.24 -43.84 22.82
N SER B 237 -11.47 -43.13 23.64
CA SER B 237 -12.03 -42.24 24.69
C SER B 237 -12.80 -41.08 24.03
N TYR B 238 -12.25 -40.52 22.97
CA TYR B 238 -12.86 -39.37 22.34
C TYR B 238 -14.16 -39.82 21.65
N GLY B 239 -14.08 -40.94 20.94
CA GLY B 239 -15.22 -41.51 20.20
C GLY B 239 -16.37 -41.89 21.13
N GLN B 240 -16.03 -42.32 22.35
CA GLN B 240 -16.95 -42.71 23.42
C GLN B 240 -17.90 -41.54 23.73
N ILE B 241 -17.44 -40.30 23.63
CA ILE B 241 -18.28 -39.19 24.06
C ILE B 241 -18.67 -38.26 22.91
N PHE B 242 -17.96 -38.21 21.79
CA PHE B 242 -18.27 -37.17 20.79
C PHE B 242 -19.65 -37.43 20.17
N LYS B 243 -19.85 -38.63 19.64
CA LYS B 243 -21.10 -38.96 18.98
C LYS B 243 -22.32 -38.79 19.91
N PRO B 244 -22.31 -39.41 21.12
CA PRO B 244 -23.43 -39.15 22.02
C PRO B 244 -23.69 -37.66 22.34
N ILE B 245 -22.65 -36.87 22.57
CA ILE B 245 -22.84 -35.45 22.89
CA ILE B 245 -22.87 -35.45 22.89
C ILE B 245 -23.44 -34.72 21.68
N ILE B 246 -22.86 -34.93 20.50
CA ILE B 246 -23.35 -34.22 19.32
C ILE B 246 -24.77 -34.68 18.99
N SER B 247 -25.06 -35.97 19.12
CA SER B 247 -26.43 -36.46 18.90
C SER B 247 -27.42 -35.78 19.84
N LYS B 248 -27.05 -35.61 21.10
CA LYS B 248 -27.96 -35.00 22.06
C LYS B 248 -28.16 -33.52 21.71
N VAL B 249 -27.06 -32.85 21.35
CA VAL B 249 -27.10 -31.45 21.00
C VAL B 249 -28.03 -31.26 19.79
N MET B 250 -27.87 -32.11 18.79
CA MET B 250 -28.72 -32.02 17.58
C MET B 250 -30.20 -32.21 17.92
N GLU B 251 -30.49 -33.17 18.79
CA GLU B 251 -31.86 -33.48 19.22
C GLU B 251 -32.49 -32.30 19.97
N MET B 252 -31.73 -31.69 20.87
CA MET B 252 -32.24 -30.68 21.77
C MET B 252 -32.21 -29.29 21.10
N TYR B 253 -31.17 -29.01 20.32
CA TYR B 253 -30.97 -27.63 19.79
C TYR B 253 -31.56 -27.52 18.37
N GLN B 254 -31.54 -28.59 17.60
CA GLN B 254 -32.13 -28.61 16.24
C GLN B 254 -31.63 -27.40 15.42
N PRO B 255 -30.33 -27.34 15.21
CA PRO B 255 -29.73 -26.27 14.40
C PRO B 255 -30.09 -26.46 12.92
N SER B 256 -30.01 -25.40 12.10
CA SER B 256 -30.23 -25.56 10.65
C SER B 256 -28.91 -25.43 9.87
N ALA B 257 -27.80 -25.11 10.55
CA ALA B 257 -26.47 -25.05 9.96
C ALA B 257 -25.42 -25.33 11.03
N VAL B 258 -24.27 -25.83 10.59
CA VAL B 258 -23.19 -26.26 11.47
C VAL B 258 -21.85 -25.71 10.97
N VAL B 259 -21.04 -25.26 11.94
CA VAL B 259 -19.67 -24.89 11.68
C VAL B 259 -18.79 -25.79 12.53
N LEU B 260 -17.86 -26.48 11.89
CA LEU B 260 -16.94 -27.39 12.57
C LEU B 260 -15.50 -26.90 12.41
N GLN B 261 -14.88 -26.55 13.53
CA GLN B 261 -13.45 -26.18 13.59
C GLN B 261 -12.65 -27.48 13.83
N CYS B 262 -11.74 -27.80 12.88
CA CYS B 262 -11.10 -29.08 12.81
C CYS B 262 -9.62 -28.97 13.16
N GLY B 263 -9.29 -28.14 14.13
CA GLY B 263 -7.90 -27.94 14.51
C GLY B 263 -7.19 -29.26 14.75
N ALA B 264 -6.01 -29.41 14.16
CA ALA B 264 -5.26 -30.68 14.12
C ALA B 264 -4.21 -30.75 15.23
N ASP B 265 -4.23 -29.79 16.15
CA ASP B 265 -3.33 -29.84 17.28
C ASP B 265 -3.78 -30.85 18.36
N SER B 266 -4.94 -31.50 18.13
CA SER B 266 -5.44 -32.58 18.96
C SER B 266 -4.91 -33.94 18.48
N LEU B 267 -4.04 -33.98 17.46
CA LEU B 267 -3.41 -35.22 17.01
C LEU B 267 -2.18 -35.61 17.85
N SER B 268 -2.05 -36.92 17.97
CA SER B 268 -0.86 -37.59 18.40
C SER B 268 0.37 -36.96 17.74
N GLY B 269 1.41 -36.72 18.52
CA GLY B 269 2.69 -36.23 18.01
C GLY B 269 2.70 -34.75 17.67
N ASP B 270 1.68 -34.00 18.00
CA ASP B 270 1.72 -32.56 17.74
C ASP B 270 2.82 -31.91 18.59
N ARG B 271 3.50 -30.91 18.03
CA ARG B 271 4.65 -30.29 18.72
C ARG B 271 4.22 -29.53 19.97
N LEU B 272 3.01 -29.01 19.97
N LEU B 272 3.01 -29.01 19.96
CA LEU B 272 2.53 -28.17 21.04
CA LEU B 272 2.51 -28.16 21.02
C LEU B 272 1.47 -28.90 21.87
C LEU B 272 1.47 -28.91 21.87
N GLY B 273 0.63 -29.72 21.24
CA GLY B 273 -0.48 -30.38 21.96
C GLY B 273 -0.08 -31.68 22.64
N CYS B 274 -0.91 -32.14 23.60
CA CYS B 274 -0.63 -33.32 24.36
C CYS B 274 -1.79 -34.34 24.25
N PHE B 275 -2.53 -34.36 23.16
CA PHE B 275 -3.55 -35.40 22.92
C PHE B 275 -2.92 -36.53 22.10
N ASN B 276 -3.65 -37.61 21.94
CA ASN B 276 -3.11 -38.80 21.31
C ASN B 276 -4.10 -39.33 20.26
N LEU B 277 -4.80 -38.47 19.55
CA LEU B 277 -5.74 -38.95 18.48
C LEU B 277 -4.97 -39.27 17.19
N THR B 278 -5.45 -40.28 16.47
CA THR B 278 -4.98 -40.51 15.10
C THR B 278 -5.80 -39.68 14.11
N VAL B 279 -5.34 -39.65 12.87
CA VAL B 279 -6.09 -38.97 11.82
C VAL B 279 -7.48 -39.64 11.65
N LYS B 280 -7.56 -40.95 11.71
CA LYS B 280 -8.87 -41.64 11.68
C LYS B 280 -9.76 -41.22 12.84
N GLY B 281 -9.21 -41.13 14.05
CA GLY B 281 -9.99 -40.72 15.21
C GLY B 281 -10.52 -39.30 15.11
N HIS B 282 -9.69 -38.41 14.63
CA HIS B 282 -10.05 -37.01 14.44
C HIS B 282 -11.15 -36.91 13.38
N ALA B 283 -10.96 -37.62 12.28
CA ALA B 283 -11.84 -37.52 11.15
C ALA B 283 -13.20 -38.18 11.41
N LYS B 284 -13.27 -39.09 12.38
CA LYS B 284 -14.53 -39.67 12.81
C LYS B 284 -15.48 -38.53 13.24
N CYS B 285 -14.96 -37.44 13.80
CA CYS B 285 -15.77 -36.31 14.21
C CYS B 285 -16.45 -35.68 13.00
N VAL B 286 -15.71 -35.56 11.90
CA VAL B 286 -16.27 -35.02 10.67
C VAL B 286 -17.36 -35.97 10.15
N GLU B 287 -17.06 -37.26 10.16
CA GLU B 287 -18.05 -38.26 9.73
C GLU B 287 -19.35 -38.13 10.55
N VAL B 288 -19.23 -38.05 11.86
CA VAL B 288 -20.40 -37.95 12.74
C VAL B 288 -21.23 -36.70 12.38
N VAL B 289 -20.58 -35.55 12.26
CA VAL B 289 -21.32 -34.29 12.02
C VAL B 289 -22.01 -34.35 10.66
N LYS B 290 -21.29 -34.85 9.68
CA LYS B 290 -21.77 -34.97 8.29
C LYS B 290 -23.06 -35.81 8.21
N THR B 291 -23.24 -36.83 9.08
CA THR B 291 -24.39 -37.71 9.01
CA THR B 291 -24.41 -37.72 8.99
C THR B 291 -25.71 -36.95 9.25
N PHE B 292 -25.68 -35.82 9.95
CA PHE B 292 -26.91 -35.10 10.28
C PHE B 292 -27.44 -34.33 9.06
N ASN B 293 -26.67 -34.28 7.97
CA ASN B 293 -27.18 -33.80 6.68
C ASN B 293 -27.62 -32.34 6.81
N LEU B 294 -26.85 -31.53 7.53
CA LEU B 294 -27.09 -30.10 7.61
C LEU B 294 -25.99 -29.38 6.82
N PRO B 295 -26.31 -28.18 6.32
CA PRO B 295 -25.30 -27.32 5.72
C PRO B 295 -24.12 -27.19 6.69
N LEU B 296 -22.90 -27.52 6.22
CA LEU B 296 -21.73 -27.63 7.05
C LEU B 296 -20.56 -26.81 6.50
N LEU B 297 -20.05 -25.91 7.35
CA LEU B 297 -18.80 -25.18 7.09
C LEU B 297 -17.68 -25.82 7.90
N MET B 298 -16.70 -26.41 7.23
N MET B 298 -16.70 -26.41 7.24
CA MET B 298 -15.54 -27.05 7.89
CA MET B 298 -15.56 -27.07 7.89
C MET B 298 -14.33 -26.12 7.81
C MET B 298 -14.34 -26.13 7.81
N LEU B 299 -13.76 -25.79 8.95
CA LEU B 299 -12.66 -24.87 9.02
C LEU B 299 -11.44 -25.55 9.63
N GLY B 300 -10.28 -24.93 9.41
CA GLY B 300 -9.03 -25.38 9.94
C GLY B 300 -8.89 -24.99 11.41
N GLY B 301 -7.67 -24.83 11.83
CA GLY B 301 -7.36 -24.55 13.20
C GLY B 301 -5.89 -24.82 13.46
N GLY B 302 -5.59 -25.23 14.69
CA GLY B 302 -4.19 -25.42 15.04
C GLY B 302 -3.57 -26.64 14.37
N GLY B 303 -2.32 -26.88 14.72
CA GLY B 303 -1.57 -28.02 14.26
C GLY B 303 -0.15 -27.60 13.90
N TYR B 304 0.83 -28.23 14.57
CA TYR B 304 2.21 -27.74 14.62
C TYR B 304 3.19 -28.80 14.13
N THR B 305 2.74 -30.05 13.95
CA THR B 305 3.53 -31.06 13.28
C THR B 305 2.98 -31.09 11.85
N ILE B 306 3.64 -30.41 10.94
CA ILE B 306 2.89 -29.97 9.76
C ILE B 306 2.62 -31.15 8.82
N ARG B 307 3.48 -32.16 8.80
CA ARG B 307 3.19 -33.36 8.02
C ARG B 307 1.86 -33.98 8.45
N ASN B 308 1.54 -33.95 9.75
CA ASN B 308 0.30 -34.57 10.24
C ASN B 308 -0.91 -33.69 10.01
N VAL B 309 -0.73 -32.36 10.03
CA VAL B 309 -1.77 -31.43 9.64
C VAL B 309 -2.18 -31.73 8.18
N ALA B 310 -1.22 -31.83 7.28
CA ALA B 310 -1.50 -32.08 5.87
C ALA B 310 -2.27 -33.41 5.70
N ARG B 311 -1.82 -34.45 6.37
CA ARG B 311 -2.50 -35.76 6.37
C ARG B 311 -3.94 -35.63 6.86
N CYS B 312 -4.12 -34.93 7.98
CA CYS B 312 -5.38 -34.86 8.65
C CYS B 312 -6.41 -34.13 7.77
N TRP B 313 -6.03 -32.98 7.24
CA TRP B 313 -7.00 -32.18 6.48
C TRP B 313 -7.22 -32.78 5.09
N THR B 314 -6.21 -33.45 4.53
CA THR B 314 -6.42 -34.22 3.27
C THR B 314 -7.48 -35.31 3.50
N TYR B 315 -7.30 -36.08 4.55
CA TYR B 315 -8.22 -37.18 4.82
C TYR B 315 -9.63 -36.64 5.13
N GLU B 316 -9.73 -35.55 5.87
CA GLU B 316 -11.05 -34.99 6.21
C GLU B 316 -11.73 -34.38 4.96
N THR B 317 -10.95 -33.88 4.01
CA THR B 317 -11.51 -33.48 2.70
C THR B 317 -12.11 -34.72 2.01
N ALA B 318 -11.37 -35.83 2.03
CA ALA B 318 -11.81 -37.08 1.42
C ALA B 318 -13.07 -37.59 2.12
N VAL B 319 -13.13 -37.48 3.45
CA VAL B 319 -14.32 -37.83 4.23
C VAL B 319 -15.52 -36.97 3.80
N ALA B 320 -15.33 -35.67 3.62
CA ALA B 320 -16.42 -34.78 3.19
C ALA B 320 -16.98 -35.25 1.84
N LEU B 321 -16.07 -35.77 0.99
CA LEU B 321 -16.40 -36.25 -0.35
C LEU B 321 -16.86 -37.71 -0.33
N ASP B 322 -16.85 -38.39 0.80
CA ASP B 322 -17.09 -39.84 0.85
C ASP B 322 -16.24 -40.58 -0.17
N CYS B 323 -14.97 -40.23 -0.23
CA CYS B 323 -14.03 -40.75 -1.24
C CYS B 323 -12.91 -41.47 -0.48
N GLU B 324 -12.78 -42.77 -0.73
CA GLU B 324 -11.77 -43.58 -0.08
C GLU B 324 -10.43 -43.31 -0.78
N ILE B 325 -9.42 -42.92 -0.02
CA ILE B 325 -8.09 -42.69 -0.63
C ILE B 325 -7.08 -43.69 -0.06
N PRO B 326 -6.11 -44.11 -0.89
CA PRO B 326 -5.09 -45.04 -0.49
C PRO B 326 -4.22 -44.52 0.66
N ASN B 327 -3.80 -45.44 1.50
CA ASN B 327 -2.92 -45.11 2.63
C ASN B 327 -1.51 -44.76 2.10
N GLU B 328 -1.11 -45.31 0.97
CA GLU B 328 0.19 -44.95 0.35
C GLU B 328 0.09 -43.53 -0.24
N LEU B 329 0.96 -42.62 0.23
CA LEU B 329 0.91 -41.22 -0.23
C LEU B 329 1.35 -41.15 -1.70
N PRO B 330 0.65 -40.33 -2.47
CA PRO B 330 1.12 -40.06 -3.81
C PRO B 330 2.34 -39.13 -3.77
N TYR B 331 3.17 -39.17 -4.80
CA TYR B 331 4.25 -38.19 -4.91
C TYR B 331 3.65 -36.77 -4.85
N ASN B 332 4.40 -35.85 -4.27
CA ASN B 332 3.95 -34.48 -4.10
C ASN B 332 5.18 -33.58 -3.86
N ASP B 333 4.96 -32.26 -3.84
CA ASP B 333 6.06 -31.27 -3.74
C ASP B 333 6.71 -31.24 -2.33
N TYR B 334 6.06 -31.91 -1.38
CA TYR B 334 6.50 -31.96 0.03
C TYR B 334 6.78 -33.40 0.47
N PHE B 335 7.04 -34.30 -0.48
CA PHE B 335 7.04 -35.74 -0.20
C PHE B 335 7.98 -36.07 0.97
N GLU B 336 9.16 -35.42 1.02
CA GLU B 336 10.18 -35.73 2.05
C GLU B 336 9.66 -35.43 3.47
N TYR B 337 8.67 -34.57 3.60
CA TYR B 337 8.14 -34.24 4.91
C TYR B 337 7.39 -35.43 5.52
N PHE B 338 7.01 -36.41 4.69
CA PHE B 338 6.14 -37.50 5.12
C PHE B 338 6.93 -38.78 5.44
N GLY B 339 8.26 -38.74 5.43
CA GLY B 339 9.04 -39.86 5.87
C GLY B 339 8.92 -40.05 7.38
N PRO B 340 9.38 -41.17 7.91
CA PRO B 340 10.02 -42.22 7.13
C PRO B 340 9.11 -43.23 6.42
N ASP B 341 7.80 -43.12 6.64
CA ASP B 341 6.78 -44.13 6.24
C ASP B 341 6.08 -43.80 4.90
N PHE B 342 5.90 -42.51 4.60
CA PHE B 342 5.21 -42.01 3.39
C PHE B 342 3.79 -42.60 3.29
N LYS B 343 3.13 -42.71 4.44
CA LYS B 343 1.73 -43.19 4.51
C LYS B 343 0.84 -42.05 5.01
N LEU B 344 -0.46 -42.17 4.77
CA LEU B 344 -1.43 -41.14 5.13
C LEU B 344 -1.76 -41.19 6.62
N HIS B 345 -1.96 -42.40 7.16
CA HIS B 345 -2.47 -42.58 8.50
C HIS B 345 -1.31 -42.57 9.48
N ILE B 346 -1.59 -42.28 10.75
CA ILE B 346 -0.57 -42.18 11.78
C ILE B 346 -0.91 -43.13 12.93
N SER B 347 0.08 -43.49 13.72
CA SER B 347 -0.10 -44.30 14.92
C SER B 347 -0.19 -43.43 16.17
N PRO B 348 -0.94 -43.86 17.17
CA PRO B 348 -0.88 -43.17 18.44
C PRO B 348 0.50 -43.39 19.06
N SER B 349 0.89 -42.49 19.95
CA SER B 349 2.10 -42.67 20.74
C SER B 349 1.76 -43.46 22.01
N ASN B 350 2.76 -43.93 22.78
CA ASN B 350 2.43 -44.78 23.95
C ASN B 350 2.22 -43.91 25.20
N MET B 351 1.90 -42.63 25.06
CA MET B 351 1.69 -41.75 26.21
C MET B 351 0.46 -42.21 27.01
N THR B 352 0.50 -41.95 28.32
CA THR B 352 -0.59 -42.31 29.18
C THR B 352 -1.82 -41.45 28.90
N ASN B 353 -2.97 -42.09 28.86
CA ASN B 353 -4.22 -41.40 28.78
C ASN B 353 -4.66 -41.04 30.21
N GLN B 354 -4.71 -39.75 30.53
CA GLN B 354 -5.00 -39.29 31.90
CA GLN B 354 -5.00 -39.28 31.89
C GLN B 354 -6.52 -39.25 32.10
N ASN B 355 -7.26 -39.37 31.01
CA ASN B 355 -8.72 -39.43 31.00
C ASN B 355 -9.24 -40.86 31.13
N THR B 356 -9.82 -41.15 32.27
CA THR B 356 -10.32 -42.51 32.53
C THR B 356 -11.69 -42.63 31.88
N PRO B 357 -12.09 -43.86 31.54
CA PRO B 357 -13.46 -44.07 31.05
C PRO B 357 -14.54 -43.48 31.97
N GLU B 358 -14.34 -43.60 33.29
CA GLU B 358 -15.28 -43.09 34.27
C GLU B 358 -15.35 -41.57 34.24
N TYR B 359 -14.19 -40.90 34.10
CA TYR B 359 -14.16 -39.44 33.94
C TYR B 359 -14.96 -39.04 32.69
N MET B 360 -14.68 -39.70 31.58
CA MET B 360 -15.36 -39.38 30.31
C MET B 360 -16.89 -39.49 30.49
N GLU B 361 -17.36 -40.58 31.05
CA GLU B 361 -18.82 -40.77 31.23
C GLU B 361 -19.42 -39.77 32.23
N LYS B 362 -18.66 -39.42 33.27
CA LYS B 362 -19.17 -38.51 34.29
C LYS B 362 -19.33 -37.10 33.71
N ILE B 363 -18.34 -36.62 32.96
CA ILE B 363 -18.42 -35.29 32.36
C ILE B 363 -19.57 -35.28 31.36
N LYS B 364 -19.67 -36.36 30.57
CA LYS B 364 -20.77 -36.52 29.62
C LYS B 364 -22.11 -36.39 30.37
N GLN B 365 -22.24 -37.04 31.51
CA GLN B 365 -23.50 -37.04 32.22
C GLN B 365 -23.81 -35.63 32.74
N ARG B 366 -22.81 -34.87 33.17
CA ARG B 366 -23.04 -33.50 33.64
C ARG B 366 -23.51 -32.60 32.48
N LEU B 367 -22.91 -32.74 31.29
CA LEU B 367 -23.33 -31.92 30.14
C LEU B 367 -24.75 -32.34 29.71
N PHE B 368 -25.06 -33.64 29.75
CA PHE B 368 -26.45 -34.07 29.44
C PHE B 368 -27.45 -33.40 30.39
N GLU B 369 -27.08 -33.19 31.65
CA GLU B 369 -28.00 -32.54 32.62
C GLU B 369 -28.32 -31.10 32.16
N ASN B 370 -27.30 -30.43 31.61
CA ASN B 370 -27.45 -29.06 31.14
C ASN B 370 -28.33 -29.09 29.88
N LEU B 371 -28.13 -30.05 29.00
CA LEU B 371 -28.87 -30.06 27.72
C LEU B 371 -30.36 -30.35 27.97
N ARG B 372 -30.70 -30.96 29.12
CA ARG B 372 -32.10 -31.18 29.49
CA ARG B 372 -32.10 -31.18 29.50
C ARG B 372 -32.80 -29.85 29.77
N MET B 373 -32.05 -28.78 29.98
CA MET B 373 -32.64 -27.51 30.32
C MET B 373 -33.03 -26.73 29.05
N LEU B 374 -32.68 -27.19 27.86
CA LEU B 374 -33.15 -26.49 26.64
C LEU B 374 -34.68 -26.64 26.52
N PRO B 375 -35.38 -25.59 26.04
CA PRO B 375 -36.84 -25.36 26.18
C PRO B 375 -37.67 -26.64 26.37
N LYS C 10 21.51 44.50 -3.94
CA LYS C 10 21.69 44.11 -2.50
C LYS C 10 23.19 43.90 -2.23
N LYS C 11 23.64 44.29 -1.04
CA LYS C 11 25.04 44.17 -0.66
C LYS C 11 25.31 42.77 -0.08
N VAL C 12 26.42 42.20 -0.51
CA VAL C 12 26.84 40.86 -0.08
C VAL C 12 28.25 40.95 0.51
N CYS C 13 28.37 40.49 1.74
CA CYS C 13 29.65 40.34 2.43
C CYS C 13 30.00 38.85 2.46
N TYR C 14 31.28 38.54 2.26
CA TYR C 14 31.74 37.16 2.08
C TYR C 14 32.96 36.89 2.98
N TYR C 15 32.89 35.83 3.76
CA TYR C 15 33.97 35.50 4.73
C TYR C 15 35.04 34.60 4.12
N TYR C 16 36.27 35.04 4.25
CA TYR C 16 37.43 34.31 3.82
C TYR C 16 38.36 34.05 5.01
N ASP C 17 38.74 32.80 5.24
CA ASP C 17 40.08 32.56 5.84
C ASP C 17 40.96 31.72 4.91
N GLY C 18 42.13 32.26 4.56
CA GLY C 18 43.07 31.58 3.66
C GLY C 18 43.64 30.31 4.24
N ASP C 19 43.63 30.18 5.57
CA ASP C 19 44.13 28.98 6.25
C ASP C 19 43.10 27.88 6.46
N ILE C 20 41.84 28.10 6.10
CA ILE C 20 40.78 27.15 6.46
C ILE C 20 40.99 25.84 5.70
N GLY C 21 41.51 25.89 4.47
CA GLY C 21 41.78 24.68 3.67
C GLY C 21 43.02 23.92 4.13
N ASN C 22 43.74 24.41 5.14
CA ASN C 22 44.94 23.75 5.68
C ASN C 22 44.56 22.72 6.76
N TYR C 23 43.41 22.92 7.43
CA TYR C 23 43.01 22.06 8.55
C TYR C 23 42.54 20.70 8.02
N TYR C 24 43.05 19.65 8.62
CA TYR C 24 42.93 18.30 8.07
C TYR C 24 42.36 17.35 9.13
N TYR C 25 41.16 16.82 8.86
CA TYR C 25 40.47 15.90 9.79
C TYR C 25 41.29 14.61 9.99
N GLY C 26 42.09 14.22 8.99
CA GLY C 26 42.88 12.99 9.05
C GLY C 26 42.57 12.11 7.85
N GLN C 27 43.52 11.24 7.49
CA GLN C 27 43.40 10.43 6.27
C GLN C 27 42.20 9.47 6.40
N GLY C 28 41.42 9.37 5.32
CA GLY C 28 40.24 8.51 5.28
C GLY C 28 38.97 9.25 5.69
N HIS C 29 39.09 10.42 6.31
CA HIS C 29 37.93 11.17 6.80
C HIS C 29 37.28 11.92 5.62
N PRO C 30 35.94 11.81 5.46
CA PRO C 30 35.24 12.43 4.30
C PRO C 30 35.18 13.98 4.33
N MET C 31 35.31 14.60 5.51
CA MET C 31 35.20 16.07 5.65
C MET C 31 36.52 16.72 5.21
N LYS C 32 36.44 17.59 4.20
CA LYS C 32 37.62 18.18 3.56
C LYS C 32 37.43 19.70 3.43
N PRO C 33 38.01 20.49 4.36
CA PRO C 33 38.05 21.97 4.29
C PRO C 33 38.61 22.54 2.97
N HIS C 34 39.43 21.76 2.28
CA HIS C 34 39.93 22.03 0.92
C HIS C 34 38.81 22.31 -0.10
N ARG C 35 37.57 21.89 0.17
CA ARG C 35 36.45 22.20 -0.72
C ARG C 35 36.07 23.69 -0.56
N ILE C 36 36.41 24.29 0.56
CA ILE C 36 36.15 25.72 0.77
C ILE C 36 37.13 26.50 -0.13
N ARG C 37 38.39 26.06 -0.17
CA ARG C 37 39.42 26.74 -0.98
C ARG C 37 39.07 26.66 -2.46
N MET C 38 38.60 25.48 -2.91
CA MET C 38 38.15 25.32 -4.31
C MET C 38 37.01 26.30 -4.61
N THR C 39 36.06 26.40 -3.67
CA THR C 39 34.94 27.32 -3.80
C THR C 39 35.47 28.73 -3.98
N HIS C 40 36.34 29.19 -3.05
CA HIS C 40 36.93 30.54 -3.14
C HIS C 40 37.55 30.74 -4.54
N ASN C 41 38.30 29.76 -4.99
CA ASN C 41 39.11 29.91 -6.16
C ASN C 41 38.21 30.03 -7.39
N LEU C 42 37.15 29.23 -7.41
CA LEU C 42 36.22 29.23 -8.52
C LEU C 42 35.53 30.60 -8.60
N LEU C 43 35.06 31.16 -7.47
CA LEU C 43 34.35 32.43 -7.58
C LEU C 43 35.34 33.58 -7.84
N LEU C 44 36.59 33.51 -7.37
CA LEU C 44 37.55 34.53 -7.77
C LEU C 44 37.71 34.51 -9.30
N ASN C 45 37.73 33.31 -9.89
CA ASN C 45 38.03 33.18 -11.32
C ASN C 45 36.78 33.53 -12.16
N TYR C 46 35.59 33.46 -11.54
CA TYR C 46 34.39 33.95 -12.25
C TYR C 46 34.31 35.48 -12.15
N GLY C 47 35.21 36.13 -11.39
CA GLY C 47 35.22 37.59 -11.21
C GLY C 47 34.19 38.07 -10.18
N LEU C 48 33.67 37.21 -9.32
CA LEU C 48 32.56 37.62 -8.42
C LEU C 48 33.08 38.41 -7.21
N TYR C 49 34.38 38.37 -6.93
CA TYR C 49 34.99 39.17 -5.87
C TYR C 49 34.81 40.67 -6.15
N ARG C 50 34.68 41.02 -7.43
CA ARG C 50 34.46 42.41 -7.82
C ARG C 50 33.06 42.87 -7.41
N LYS C 51 32.16 41.97 -6.99
CA LYS C 51 30.76 42.34 -6.75
C LYS C 51 30.40 42.23 -5.26
N MET C 52 31.34 41.80 -4.40
CA MET C 52 31.02 41.68 -2.97
C MET C 52 32.23 42.14 -2.13
N GLU C 53 31.93 42.42 -0.87
CA GLU C 53 32.92 42.83 0.09
C GLU C 53 33.46 41.59 0.80
N ILE C 54 34.76 41.36 0.75
CA ILE C 54 35.32 40.18 1.39
C ILE C 54 35.85 40.58 2.77
N TYR C 55 35.45 39.86 3.82
CA TYR C 55 35.96 40.12 5.18
C TYR C 55 36.91 38.99 5.60
N ARG C 56 37.93 39.39 6.34
CA ARG C 56 39.09 38.59 6.58
C ARG C 56 38.85 37.72 7.82
N PRO C 57 39.75 36.76 8.05
CA PRO C 57 39.64 35.81 9.17
C PRO C 57 39.42 36.52 10.52
N HIS C 58 38.38 36.15 11.22
CA HIS C 58 38.17 36.60 12.58
C HIS C 58 38.08 35.35 13.47
N LYS C 59 38.83 35.35 14.56
CA LYS C 59 38.90 34.16 15.42
C LYS C 59 37.99 34.35 16.63
N ALA C 60 36.89 33.61 16.71
CA ALA C 60 36.02 33.64 17.90
C ALA C 60 36.82 33.17 19.12
N THR C 61 36.64 33.86 20.25
CA THR C 61 37.36 33.50 21.47
C THR C 61 36.65 32.32 22.16
N ALA C 62 37.40 31.64 23.01
CA ALA C 62 36.85 30.56 23.84
C ALA C 62 35.70 31.14 24.68
N GLU C 63 35.89 32.37 25.15
CA GLU C 63 34.86 33.03 25.99
C GLU C 63 33.55 33.15 25.20
N GLU C 64 33.65 33.66 23.97
CA GLU C 64 32.50 33.78 23.06
C GLU C 64 31.76 32.44 22.90
N MET C 65 32.52 31.36 22.74
CA MET C 65 31.90 30.06 22.50
C MET C 65 31.08 29.61 23.73
N THR C 66 31.51 30.04 24.93
CA THR C 66 30.81 29.63 26.20
C THR C 66 29.51 30.42 26.40
N LYS C 67 29.16 31.32 25.47
CA LYS C 67 27.82 31.88 25.42
C LYS C 67 26.78 30.77 25.18
N TYR C 68 27.20 29.66 24.60
CA TYR C 68 26.32 28.52 24.43
C TYR C 68 26.93 27.26 25.05
N HIS C 69 28.17 26.93 24.67
CA HIS C 69 28.80 25.68 25.05
C HIS C 69 29.29 25.75 26.50
N SER C 70 29.32 24.60 27.16
CA SER C 70 29.80 24.55 28.52
C SER C 70 31.31 24.86 28.58
N ASP C 71 31.73 25.47 29.69
CA ASP C 71 33.17 25.78 29.89
C ASP C 71 34.06 24.53 29.85
N GLU C 72 33.65 23.43 30.49
CA GLU C 72 34.48 22.21 30.55
C GLU C 72 34.68 21.66 29.14
N TYR C 73 33.63 21.73 28.31
CA TYR C 73 33.71 21.23 26.95
C TYR C 73 34.68 22.10 26.14
N ILE C 74 34.52 23.44 26.22
CA ILE C 74 35.41 24.36 25.46
C ILE C 74 36.84 24.22 25.97
N LYS C 75 37.02 24.12 27.30
CA LYS C 75 38.37 23.94 27.86
C LYS C 75 39.03 22.67 27.30
N PHE C 76 38.23 21.62 27.23
CA PHE C 76 38.67 20.34 26.64
C PHE C 76 39.07 20.55 25.17
N LEU C 77 38.26 21.22 24.37
CA LEU C 77 38.54 21.38 22.91
C LEU C 77 39.84 22.18 22.72
N ARG C 78 40.12 23.10 23.62
CA ARG C 78 41.33 23.93 23.46
C ARG C 78 42.56 23.15 23.94
N SER C 79 42.37 22.07 24.69
CA SER C 79 43.47 21.38 25.41
C SER C 79 43.86 20.08 24.74
N ILE C 80 42.91 19.42 24.11
CA ILE C 80 43.13 18.07 23.58
C ILE C 80 44.06 18.15 22.35
N ARG C 81 45.01 17.23 22.27
CA ARG C 81 45.96 17.17 21.15
C ARG C 81 46.17 15.71 20.75
N PRO C 82 46.56 15.44 19.48
CA PRO C 82 46.88 14.05 19.11
C PRO C 82 47.77 13.31 20.12
N ASP C 83 48.75 14.00 20.70
CA ASP C 83 49.73 13.35 21.54
C ASP C 83 49.40 13.29 23.04
N ASN C 84 48.24 13.79 23.48
CA ASN C 84 47.88 13.74 24.92
C ASN C 84 46.51 13.05 25.13
N MET C 85 45.97 12.39 24.11
CA MET C 85 44.67 11.71 24.21
C MET C 85 44.64 10.70 25.35
N SER C 86 45.73 9.99 25.59
CA SER C 86 45.81 9.04 26.69
C SER C 86 45.40 9.71 28.03
N GLU C 87 45.75 10.98 28.22
CA GLU C 87 45.48 11.68 29.48
C GLU C 87 44.00 12.07 29.60
N TYR C 88 43.23 12.06 28.51
CA TYR C 88 41.88 12.66 28.50
C TYR C 88 40.81 11.62 28.11
N SER C 89 41.03 10.33 28.35
CA SER C 89 40.07 9.36 27.79
C SER C 89 38.68 9.52 28.44
N LYS C 90 38.60 9.89 29.72
CA LYS C 90 37.30 10.13 30.37
C LYS C 90 36.58 11.31 29.69
N GLN C 91 37.29 12.41 29.50
CA GLN C 91 36.70 13.58 28.85
C GLN C 91 36.33 13.24 27.39
N MET C 92 37.15 12.46 26.72
CA MET C 92 36.84 12.10 25.33
C MET C 92 35.49 11.35 25.26
N GLN C 93 35.24 10.46 26.21
CA GLN C 93 33.95 9.77 26.26
C GLN C 93 32.85 10.79 26.57
N ARG C 94 33.09 11.63 27.57
CA ARG C 94 32.08 12.59 28.01
C ARG C 94 31.66 13.52 26.86
N PHE C 95 32.61 13.93 26.04
CA PHE C 95 32.40 14.99 25.05
C PHE C 95 32.31 14.41 23.64
N ASN C 96 32.35 13.09 23.52
CA ASN C 96 32.21 12.36 22.24
C ASN C 96 33.29 12.78 21.22
N VAL C 97 34.53 12.88 21.67
CA VAL C 97 35.63 13.24 20.77
C VAL C 97 36.66 12.11 20.75
N GLY C 98 37.12 11.73 19.55
CA GLY C 98 38.14 10.70 19.40
C GLY C 98 37.80 9.66 18.33
N GLU C 99 36.54 9.60 17.88
CA GLU C 99 36.08 8.55 16.94
C GLU C 99 35.49 9.22 15.69
N ASP C 100 34.16 9.32 15.62
CA ASP C 100 33.49 10.06 14.55
C ASP C 100 33.99 11.49 14.46
N CYS C 101 34.25 12.07 15.63
CA CYS C 101 34.73 13.43 15.74
C CYS C 101 36.19 13.37 16.22
N PRO C 102 37.13 13.20 15.28
CA PRO C 102 38.49 12.97 15.68
C PRO C 102 39.22 14.19 16.29
N VAL C 103 40.30 13.86 16.98
CA VAL C 103 41.28 14.85 17.42
C VAL C 103 42.26 15.07 16.27
N PHE C 104 42.48 16.32 15.88
CA PHE C 104 43.51 16.64 14.88
C PHE C 104 44.20 17.97 15.26
N ASP C 105 45.40 18.18 14.74
CA ASP C 105 46.15 19.43 14.96
C ASP C 105 45.36 20.61 14.40
N GLY C 106 45.22 21.67 15.19
CA GLY C 106 44.49 22.85 14.70
C GLY C 106 42.99 22.76 14.92
N LEU C 107 42.53 21.73 15.63
CA LEU C 107 41.06 21.55 15.83
C LEU C 107 40.47 22.84 16.41
N PHE C 108 41.10 23.37 17.45
CA PHE C 108 40.49 24.52 18.11
C PHE C 108 40.50 25.73 17.17
N GLU C 109 41.62 25.93 16.48
CA GLU C 109 41.71 27.07 15.55
C GLU C 109 40.64 26.95 14.46
N PHE C 110 40.38 25.73 14.00
CA PHE C 110 39.31 25.53 13.02
C PHE C 110 37.95 25.98 13.61
N CYS C 111 37.68 25.56 14.84
CA CYS C 111 36.46 26.02 15.53
C CYS C 111 36.40 27.55 15.61
N GLN C 112 37.54 28.19 15.92
CA GLN C 112 37.58 29.65 16.09
C GLN C 112 37.26 30.35 14.75
N LEU C 113 37.80 29.83 13.65
CA LEU C 113 37.69 30.53 12.35
C LEU C 113 36.31 30.32 11.72
N SER C 114 35.78 29.10 11.81
N SER C 114 35.79 29.10 11.81
CA SER C 114 34.44 28.82 11.30
CA SER C 114 34.45 28.80 11.33
C SER C 114 33.42 29.67 12.08
C SER C 114 33.43 29.66 12.07
N THR C 115 33.52 29.64 13.40
CA THR C 115 32.60 30.38 14.25
C THR C 115 32.75 31.89 14.02
N GLY C 116 33.98 32.36 13.90
CA GLY C 116 34.26 33.79 13.72
C GLY C 116 33.54 34.34 12.50
N GLY C 117 33.57 33.59 11.41
CA GLY C 117 32.90 33.98 10.19
C GLY C 117 31.38 34.10 10.34
N SER C 118 30.75 33.19 11.07
CA SER C 118 29.31 33.23 11.23
C SER C 118 28.92 34.38 12.16
N VAL C 119 29.66 34.54 13.25
CA VAL C 119 29.29 35.60 14.22
C VAL C 119 29.58 36.96 13.62
N ALA C 120 30.70 37.13 12.90
CA ALA C 120 31.02 38.41 12.25
C ALA C 120 29.93 38.76 11.24
N GLY C 121 29.46 37.77 10.47
CA GLY C 121 28.36 37.96 9.52
C GLY C 121 27.08 38.48 10.22
N ALA C 122 26.74 37.86 11.35
CA ALA C 122 25.59 38.30 12.16
C ALA C 122 25.76 39.75 12.62
N VAL C 123 26.95 40.11 13.08
CA VAL C 123 27.24 41.48 13.53
C VAL C 123 27.01 42.47 12.38
N LYS C 124 27.48 42.11 11.18
CA LYS C 124 27.36 43.03 10.07
C LYS C 124 25.90 43.19 9.68
N LEU C 125 25.16 42.09 9.73
CA LEU C 125 23.72 42.13 9.49
C LEU C 125 23.05 43.00 10.55
N ASN C 126 23.36 42.78 11.83
CA ASN C 126 22.80 43.57 12.95
C ASN C 126 23.06 45.07 12.76
N ARG C 127 24.26 45.42 12.28
CA ARG C 127 24.65 46.83 12.11
C ARG C 127 24.12 47.38 10.79
N GLN C 128 23.42 46.56 10.01
CA GLN C 128 22.85 46.98 8.72
C GLN C 128 23.96 47.49 7.79
N GLN C 129 25.11 46.83 7.87
CA GLN C 129 26.25 47.13 7.01
C GLN C 129 26.17 46.26 5.75
N THR C 130 25.28 45.26 5.74
CA THR C 130 25.12 44.36 4.58
C THR C 130 23.70 43.78 4.58
N ASP C 131 23.28 43.27 3.42
CA ASP C 131 21.98 42.61 3.29
C ASP C 131 22.10 41.11 3.40
N MET C 132 23.24 40.60 2.93
CA MET C 132 23.56 39.21 3.04
C MET C 132 25.01 39.07 3.51
N ALA C 133 25.26 38.07 4.35
CA ALA C 133 26.61 37.66 4.70
C ALA C 133 26.78 36.17 4.39
N VAL C 134 27.94 35.80 3.86
CA VAL C 134 28.21 34.44 3.43
C VAL C 134 29.44 33.89 4.13
N ASN C 135 29.29 32.70 4.72
CA ASN C 135 30.37 31.99 5.39
C ASN C 135 30.33 30.51 5.02
N TRP C 136 31.04 30.12 3.97
CA TRP C 136 30.99 28.74 3.50
C TRP C 136 31.76 27.81 4.44
N ALA C 137 32.55 28.37 5.38
CA ALA C 137 33.29 27.57 6.36
C ALA C 137 32.41 27.24 7.57
N GLY C 138 31.19 27.78 7.64
CA GLY C 138 30.30 27.51 8.76
C GLY C 138 29.28 26.43 8.46
N GLY C 139 28.27 26.38 9.34
CA GLY C 139 27.13 25.46 9.18
C GLY C 139 27.25 24.17 9.99
N LEU C 140 27.94 24.22 11.13
CA LEU C 140 28.30 23.00 11.86
C LEU C 140 27.16 22.60 12.82
N HIS C 141 26.07 22.14 12.17
CA HIS C 141 24.75 22.12 12.77
C HIS C 141 24.59 21.05 13.85
N HIS C 142 25.48 20.06 13.94
CA HIS C 142 25.25 18.96 14.90
C HIS C 142 25.87 19.21 16.28
N ALA C 143 26.72 20.23 16.43
CA ALA C 143 27.45 20.38 17.69
C ALA C 143 26.46 20.72 18.81
N LYS C 144 26.65 20.11 19.97
CA LYS C 144 25.76 20.28 21.11
C LYS C 144 26.46 21.09 22.21
N LYS C 145 25.71 21.41 23.25
CA LYS C 145 26.22 22.29 24.29
C LYS C 145 27.52 21.74 24.89
N SER C 146 27.55 20.42 25.16
CA SER C 146 28.68 19.77 25.85
CA SER C 146 28.69 19.79 25.84
C SER C 146 29.11 18.51 25.11
N GLU C 147 28.95 18.48 23.79
CA GLU C 147 29.17 17.25 23.05
CA GLU C 147 29.22 17.24 23.06
C GLU C 147 29.48 17.58 21.59
N ALA C 148 30.56 16.97 21.05
CA ALA C 148 30.79 16.98 19.62
C ALA C 148 29.90 15.93 18.97
N SER C 149 29.54 16.15 17.73
CA SER C 149 28.70 15.18 17.01
C SER C 149 28.89 15.36 15.50
N GLY C 150 29.05 14.28 14.76
CA GLY C 150 28.99 14.37 13.29
C GLY C 150 30.00 15.37 12.70
N PHE C 151 31.24 15.31 13.17
CA PHE C 151 32.31 16.15 12.64
C PHE C 151 32.15 17.61 13.08
N CYS C 152 31.16 17.93 13.94
CA CYS C 152 30.89 19.30 14.39
C CYS C 152 31.24 19.44 15.88
N TYR C 153 32.07 20.44 16.21
CA TYR C 153 32.58 20.60 17.60
C TYR C 153 31.94 21.83 18.25
N VAL C 154 31.94 22.95 17.54
CA VAL C 154 31.39 24.22 18.04
C VAL C 154 30.30 24.66 17.07
N ASN C 155 29.14 24.99 17.64
CA ASN C 155 27.97 25.28 16.84
C ASN C 155 27.97 26.75 16.45
N ASP C 156 28.66 27.04 15.34
CA ASP C 156 28.75 28.41 14.83
C ASP C 156 27.35 29.00 14.59
N ILE C 157 26.42 28.16 14.15
CA ILE C 157 25.08 28.64 13.80
C ILE C 157 24.36 29.18 15.04
N VAL C 158 24.36 28.38 16.10
CA VAL C 158 23.71 28.78 17.33
C VAL C 158 24.34 30.09 17.83
N LEU C 159 25.67 30.17 17.80
CA LEU C 159 26.32 31.39 18.28
C LEU C 159 25.98 32.60 17.40
N ALA C 160 25.86 32.43 16.08
CA ALA C 160 25.47 33.53 15.21
C ALA C 160 24.01 33.93 15.47
N ILE C 161 23.16 32.95 15.73
CA ILE C 161 21.75 33.26 15.98
C ILE C 161 21.64 34.01 17.33
N LEU C 162 22.42 33.62 18.34
CA LEU C 162 22.39 34.40 19.62
C LEU C 162 22.78 35.87 19.36
N GLU C 163 23.77 36.11 18.48
CA GLU C 163 24.12 37.49 18.14
C GLU C 163 22.96 38.21 17.41
N LEU C 164 22.33 37.55 16.44
CA LEU C 164 21.19 38.14 15.71
C LEU C 164 20.05 38.47 16.69
N LEU C 165 19.83 37.65 17.70
CA LEU C 165 18.70 37.86 18.64
C LEU C 165 18.89 39.14 19.47
N LYS C 166 20.08 39.73 19.46
CA LYS C 166 20.22 41.02 20.17
C LYS C 166 19.41 42.12 19.45
N TYR C 167 19.24 41.98 18.14
CA TYR C 167 18.63 43.03 17.31
C TYR C 167 17.34 42.56 16.63
N HIS C 168 17.06 41.26 16.65
CA HIS C 168 15.98 40.64 15.90
C HIS C 168 15.06 39.88 16.87
N GLN C 169 13.77 40.26 16.92
CA GLN C 169 12.82 39.60 17.82
C GLN C 169 12.64 38.13 17.43
N ARG C 170 12.60 37.85 16.12
CA ARG C 170 12.32 36.51 15.59
C ARG C 170 13.32 36.20 14.48
N VAL C 171 14.01 35.07 14.61
CA VAL C 171 14.97 34.61 13.61
C VAL C 171 14.50 33.27 13.06
N LEU C 172 14.56 33.13 11.74
CA LEU C 172 14.19 31.89 11.07
C LEU C 172 15.47 31.16 10.62
N TYR C 173 15.60 29.92 11.04
CA TYR C 173 16.67 29.02 10.60
C TYR C 173 16.11 27.96 9.65
N ILE C 174 16.76 27.82 8.50
CA ILE C 174 16.37 26.85 7.46
C ILE C 174 17.59 26.01 7.12
N ASP C 175 17.44 24.69 7.04
CA ASP C 175 18.58 23.79 6.89
C ASP C 175 18.30 22.80 5.77
N ILE C 176 19.07 22.88 4.67
CA ILE C 176 18.83 22.02 3.49
C ILE C 176 19.98 21.00 3.32
N ASP C 177 20.88 20.94 4.31
CA ASP C 177 21.77 19.78 4.46
C ASP C 177 20.91 18.49 4.41
N ILE C 178 21.50 17.39 3.96
CA ILE C 178 20.75 16.13 3.92
C ILE C 178 20.47 15.64 5.35
N HIS C 179 21.26 16.09 6.32
CA HIS C 179 21.12 15.63 7.71
C HIS C 179 20.29 16.61 8.53
N HIS C 180 19.58 16.07 9.52
CA HIS C 180 18.82 16.90 10.44
C HIS C 180 19.74 17.84 11.24
N GLY C 181 19.39 19.14 11.26
CA GLY C 181 20.08 20.14 12.04
C GLY C 181 19.71 20.07 13.52
N ASP C 182 20.08 18.96 14.14
CA ASP C 182 19.65 18.64 15.52
C ASP C 182 20.24 19.59 16.60
N GLY C 183 21.49 20.02 16.43
CA GLY C 183 22.13 20.89 17.42
C GLY C 183 21.46 22.24 17.48
N VAL C 184 21.07 22.74 16.32
CA VAL C 184 20.42 24.03 16.25
C VAL C 184 18.99 23.89 16.80
N GLU C 185 18.28 22.87 16.35
CA GLU C 185 16.92 22.62 16.82
C GLU C 185 16.91 22.53 18.35
N GLU C 186 17.86 21.77 18.90
CA GLU C 186 17.91 21.54 20.35
C GLU C 186 18.17 22.85 21.10
N ALA C 187 19.08 23.66 20.60
CA ALA C 187 19.42 24.90 21.28
C ALA C 187 18.17 25.77 21.47
N PHE C 188 17.29 25.78 20.46
CA PHE C 188 16.16 26.72 20.44
C PHE C 188 14.81 26.00 20.61
N TYR C 189 14.82 24.79 21.14
CA TYR C 189 13.62 23.92 21.12
C TYR C 189 12.50 24.53 21.99
N THR C 190 12.84 25.34 23.00
CA THR C 190 11.79 25.80 23.94
C THR C 190 11.58 27.32 23.82
N THR C 191 12.04 27.94 22.71
CA THR C 191 11.77 29.37 22.47
C THR C 191 11.01 29.56 21.15
N ASP C 192 10.18 30.59 21.16
CA ASP C 192 9.48 31.04 19.99
C ASP C 192 10.28 32.16 19.25
N ARG C 193 11.46 32.53 19.77
CA ARG C 193 12.26 33.63 19.14
C ARG C 193 13.14 33.10 18.00
N VAL C 194 13.25 31.79 17.89
CA VAL C 194 13.88 31.14 16.75
C VAL C 194 12.97 30.00 16.28
N MET C 195 12.62 30.00 15.01
CA MET C 195 11.97 28.88 14.42
C MET C 195 13.00 28.11 13.58
N THR C 196 13.07 26.80 13.79
CA THR C 196 13.99 25.95 13.05
C THR C 196 13.21 25.08 12.07
N VAL C 197 13.66 25.06 10.82
CA VAL C 197 13.01 24.31 9.76
C VAL C 197 14.07 23.43 9.08
N SER C 198 13.91 22.11 9.17
CA SER C 198 14.89 21.20 8.60
C SER C 198 14.22 20.23 7.62
N PHE C 199 14.82 20.11 6.45
CA PHE C 199 14.50 19.11 5.46
C PHE C 199 15.66 18.11 5.43
N HIS C 200 15.38 16.81 5.59
CA HIS C 200 16.49 15.87 5.77
C HIS C 200 16.03 14.44 5.51
N LYS C 201 16.99 13.60 5.14
CA LYS C 201 16.78 12.17 5.09
C LYS C 201 16.47 11.66 6.50
N TYR C 202 15.54 10.73 6.61
CA TYR C 202 15.10 10.26 7.92
C TYR C 202 14.82 8.76 7.85
N GLY C 203 15.22 8.02 8.88
CA GLY C 203 15.05 6.55 8.92
C GLY C 203 16.39 5.84 8.86
N GLU C 204 16.81 5.27 9.99
CA GLU C 204 18.13 4.60 10.15
C GLU C 204 19.22 5.45 9.45
N TYR C 205 19.22 6.73 9.76
CA TYR C 205 20.13 7.67 9.17
C TYR C 205 20.56 8.66 10.26
N PHE C 206 21.82 9.08 10.19
CA PHE C 206 22.36 10.02 11.16
C PHE C 206 21.60 11.35 11.06
N PRO C 207 21.30 12.03 12.17
CA PRO C 207 21.60 11.63 13.53
C PRO C 207 20.49 10.83 14.22
N GLY C 208 19.36 10.59 13.55
CA GLY C 208 18.30 9.76 14.15
C GLY C 208 17.12 10.58 14.65
N THR C 209 17.27 11.89 14.59
CA THR C 209 16.29 12.84 15.14
C THR C 209 15.57 13.52 13.96
N GLY C 210 14.67 14.46 14.25
CA GLY C 210 14.02 15.21 13.19
C GLY C 210 12.77 14.51 12.69
N ASP C 211 12.06 13.84 13.60
CA ASP C 211 10.76 13.24 13.30
C ASP C 211 9.74 14.36 13.08
N LEU C 212 8.79 14.08 12.21
CA LEU C 212 7.62 14.92 11.98
C LEU C 212 6.99 15.41 13.29
N ARG C 213 6.96 14.55 14.30
CA ARG C 213 6.25 14.87 15.56
C ARG C 213 7.10 15.74 16.50
N ASP C 214 8.37 15.96 16.19
CA ASP C 214 9.22 16.85 17.00
C ASP C 214 8.91 18.32 16.60
N ILE C 215 8.07 18.99 17.39
CA ILE C 215 7.51 20.29 17.00
C ILE C 215 7.95 21.39 17.98
N GLY C 216 8.78 21.03 18.96
CA GLY C 216 9.18 22.00 20.02
C GLY C 216 8.43 21.78 21.31
N ALA C 217 8.80 22.53 22.34
CA ALA C 217 8.18 22.39 23.66
C ALA C 217 8.11 23.77 24.33
N GLY C 218 7.27 23.87 25.34
CA GLY C 218 7.04 25.13 26.05
C GLY C 218 6.56 26.22 25.11
N LYS C 219 7.07 27.43 25.31
CA LYS C 219 6.81 28.55 24.39
C LYS C 219 7.21 28.21 22.95
N GLY C 220 8.12 27.24 22.75
CA GLY C 220 8.61 26.87 21.43
C GLY C 220 7.76 25.79 20.77
N LYS C 221 6.68 25.35 21.41
CA LYS C 221 5.79 24.40 20.78
C LYS C 221 5.25 25.03 19.48
N TYR C 222 5.48 24.31 18.39
CA TYR C 222 5.12 24.63 16.98
C TYR C 222 6.19 25.50 16.31
N TYR C 223 7.33 25.73 16.98
CA TYR C 223 8.41 26.56 16.39
C TYR C 223 9.62 25.71 15.97
N ALA C 224 9.46 24.38 15.92
CA ALA C 224 10.40 23.50 15.27
C ALA C 224 9.63 22.74 14.18
N VAL C 225 10.19 22.68 12.99
CA VAL C 225 9.51 22.12 11.83
C VAL C 225 10.49 21.14 11.17
N ASN C 226 10.03 19.92 10.98
CA ASN C 226 10.82 18.84 10.40
C ASN C 226 10.07 18.18 9.23
N PHE C 227 10.74 18.12 8.09
CA PHE C 227 10.24 17.38 6.94
C PHE C 227 11.19 16.19 6.66
N PRO C 228 10.85 15.01 7.21
CA PRO C 228 11.60 13.76 7.04
C PRO C 228 11.39 13.21 5.62
N MET C 229 12.48 12.83 4.96
CA MET C 229 12.45 12.37 3.57
C MET C 229 13.14 11.01 3.45
N ARG C 230 12.83 10.34 2.35
CA ARG C 230 13.50 9.10 1.96
C ARG C 230 14.51 9.39 0.84
N ASP C 231 15.24 8.36 0.44
CA ASP C 231 16.22 8.46 -0.64
C ASP C 231 15.65 8.96 -1.96
N GLY C 232 16.48 9.69 -2.68
CA GLY C 232 16.31 9.88 -4.09
C GLY C 232 15.48 11.10 -4.45
N ILE C 233 15.18 11.98 -3.51
CA ILE C 233 14.35 13.12 -3.85
C ILE C 233 15.05 13.94 -4.93
N ASP C 234 14.25 14.42 -5.87
CA ASP C 234 14.74 15.16 -7.05
C ASP C 234 14.34 16.63 -6.98
N ASP C 235 14.86 17.42 -7.92
CA ASP C 235 14.63 18.88 -7.97
C ASP C 235 13.14 19.24 -7.93
N GLU C 236 12.31 18.61 -8.75
CA GLU C 236 10.87 18.98 -8.85
C GLU C 236 10.17 18.68 -7.50
N SER C 237 10.39 17.48 -6.96
CA SER C 237 9.73 17.04 -5.72
C SER C 237 10.17 17.95 -4.55
N TYR C 238 11.45 18.26 -4.51
CA TYR C 238 11.99 19.07 -3.41
C TYR C 238 11.44 20.50 -3.50
N GLY C 239 11.46 21.08 -4.69
CA GLY C 239 10.99 22.46 -4.89
C GLY C 239 9.51 22.63 -4.59
N GLN C 240 8.70 21.61 -4.91
CA GLN C 240 7.25 21.69 -4.69
C GLN C 240 6.92 21.53 -3.21
N ILE C 241 7.86 21.15 -2.36
CA ILE C 241 7.54 21.22 -0.93
C ILE C 241 8.33 22.36 -0.27
N PHE C 242 9.55 22.66 -0.71
CA PHE C 242 10.32 23.75 -0.10
C PHE C 242 9.56 25.08 -0.23
N LYS C 243 9.14 25.46 -1.44
CA LYS C 243 8.58 26.81 -1.65
C LYS C 243 7.26 27.01 -0.88
N PRO C 244 6.27 26.08 -0.98
CA PRO C 244 5.03 26.24 -0.18
C PRO C 244 5.27 26.28 1.33
N ILE C 245 6.17 25.43 1.84
CA ILE C 245 6.41 25.36 3.29
C ILE C 245 7.09 26.65 3.77
N ILE C 246 8.13 27.09 3.07
CA ILE C 246 8.84 28.30 3.49
C ILE C 246 7.92 29.52 3.34
N SER C 247 7.11 29.59 2.28
CA SER C 247 6.17 30.69 2.13
C SER C 247 5.20 30.74 3.31
N LYS C 248 4.70 29.59 3.72
CA LYS C 248 3.74 29.56 4.83
C LYS C 248 4.47 29.95 6.13
N VAL C 249 5.70 29.45 6.30
CA VAL C 249 6.50 29.79 7.50
C VAL C 249 6.66 31.31 7.56
N MET C 250 7.00 31.93 6.43
CA MET C 250 7.24 33.39 6.41
C MET C 250 5.97 34.14 6.85
N GLU C 251 4.86 33.71 6.30
CA GLU C 251 3.55 34.35 6.49
C GLU C 251 3.15 34.27 7.97
N MET C 252 3.33 33.10 8.59
CA MET C 252 2.85 32.85 9.94
C MET C 252 3.88 33.34 10.97
N TYR C 253 5.17 33.14 10.70
CA TYR C 253 6.20 33.43 11.70
C TYR C 253 6.70 34.88 11.60
N GLN C 254 6.74 35.44 10.39
CA GLN C 254 7.15 36.84 10.13
C GLN C 254 8.51 37.15 10.78
N PRO C 255 9.54 36.39 10.41
CA PRO C 255 10.88 36.63 11.00
C PRO C 255 11.50 37.96 10.50
N SER C 256 12.46 38.53 11.22
CA SER C 256 13.12 39.75 10.69
C SER C 256 14.56 39.46 10.24
N ALA C 257 15.01 38.21 10.40
CA ALA C 257 16.30 37.76 9.87
C ALA C 257 16.24 36.26 9.62
N VAL C 258 17.03 35.79 8.66
CA VAL C 258 17.02 34.39 8.26
C VAL C 258 18.45 33.87 8.22
N VAL C 259 18.62 32.63 8.70
CA VAL C 259 19.89 31.91 8.60
C VAL C 259 19.64 30.67 7.76
N LEU C 260 20.38 30.52 6.65
CA LEU C 260 20.18 29.41 5.72
C LEU C 260 21.45 28.56 5.72
N GLN C 261 21.34 27.33 6.19
CA GLN C 261 22.45 26.36 6.13
C GLN C 261 22.33 25.64 4.80
N CYS C 262 23.37 25.75 3.95
CA CYS C 262 23.29 25.33 2.55
C CYS C 262 24.09 24.05 2.33
N GLY C 263 24.02 23.11 3.27
CA GLY C 263 24.77 21.86 3.13
C GLY C 263 24.55 21.23 1.76
N ALA C 264 25.66 20.88 1.09
CA ALA C 264 25.64 20.41 -0.28
C ALA C 264 25.71 18.87 -0.32
N ASP C 265 25.55 18.20 0.82
CA ASP C 265 25.45 16.72 0.78
C ASP C 265 24.05 16.24 0.34
N SER C 266 23.15 17.16 0.08
CA SER C 266 21.85 16.86 -0.53
C SER C 266 21.93 16.82 -2.06
N LEU C 267 23.12 16.97 -2.66
CA LEU C 267 23.28 16.95 -4.10
C LEU C 267 23.39 15.52 -4.64
N SER C 268 22.90 15.34 -5.87
CA SER C 268 23.12 14.15 -6.65
C SER C 268 24.63 13.86 -6.71
N GLY C 269 25.00 12.60 -6.55
CA GLY C 269 26.39 12.18 -6.71
C GLY C 269 27.23 12.42 -5.47
N ASP C 270 26.62 12.83 -4.37
CA ASP C 270 27.41 12.99 -3.15
C ASP C 270 27.91 11.63 -2.68
N ARG C 271 29.16 11.59 -2.20
CA ARG C 271 29.77 10.34 -1.74
C ARG C 271 29.01 9.72 -0.56
N LEU C 272 28.43 10.55 0.32
CA LEU C 272 27.72 10.06 1.52
C LEU C 272 26.19 10.19 1.37
N GLY C 273 25.71 11.22 0.70
CA GLY C 273 24.27 11.52 0.64
C GLY C 273 23.55 10.67 -0.40
N CYS C 274 22.24 10.48 -0.23
CA CYS C 274 21.45 9.70 -1.20
C CYS C 274 20.29 10.53 -1.79
N PHE C 275 20.40 11.86 -1.83
CA PHE C 275 19.43 12.71 -2.55
C PHE C 275 19.87 12.88 -4.00
N ASN C 276 19.00 13.46 -4.84
CA ASN C 276 19.24 13.59 -6.25
C ASN C 276 19.00 15.04 -6.70
N LEU C 277 19.40 16.03 -5.92
CA LEU C 277 19.25 17.45 -6.31
C LEU C 277 20.42 17.88 -7.21
N THR C 278 20.12 18.74 -8.18
CA THR C 278 21.18 19.38 -8.97
C THR C 278 21.56 20.69 -8.27
N VAL C 279 22.61 21.32 -8.76
CA VAL C 279 23.04 22.61 -8.25
C VAL C 279 21.90 23.61 -8.44
N LYS C 280 21.21 23.53 -9.58
CA LYS C 280 20.08 24.45 -9.84
C LYS C 280 18.96 24.21 -8.83
N GLY C 281 18.69 22.95 -8.53
CA GLY C 281 17.61 22.61 -7.59
C GLY C 281 17.92 23.06 -6.18
N HIS C 282 19.17 22.82 -5.79
CA HIS C 282 19.64 23.25 -4.50
C HIS C 282 19.56 24.79 -4.42
N ALA C 283 20.07 25.48 -5.43
CA ALA C 283 20.20 26.95 -5.38
C ALA C 283 18.83 27.65 -5.45
N LYS C 284 17.82 26.96 -5.99
CA LYS C 284 16.45 27.48 -5.99
C LYS C 284 15.99 27.81 -4.56
N CYS C 285 16.44 27.05 -3.57
CA CYS C 285 16.14 27.33 -2.17
C CYS C 285 16.67 28.72 -1.77
N VAL C 286 17.89 29.04 -2.19
CA VAL C 286 18.45 30.36 -1.93
C VAL C 286 17.59 31.43 -2.62
N GLU C 287 17.19 31.21 -3.87
CA GLU C 287 16.39 32.19 -4.62
C GLU C 287 15.07 32.47 -3.90
N VAL C 288 14.44 31.40 -3.42
CA VAL C 288 13.16 31.51 -2.71
C VAL C 288 13.34 32.36 -1.45
N VAL C 289 14.38 32.06 -0.66
CA VAL C 289 14.59 32.78 0.60
C VAL C 289 14.88 34.26 0.31
N LYS C 290 15.66 34.55 -0.72
CA LYS C 290 15.96 35.96 -1.13
C LYS C 290 14.71 36.78 -1.48
N THR C 291 13.67 36.16 -2.01
CA THR C 291 12.49 36.93 -2.45
C THR C 291 11.80 37.60 -1.25
N PHE C 292 12.08 37.20 -0.01
CA PHE C 292 11.35 37.77 1.16
C PHE C 292 12.08 39.03 1.68
N ASN C 293 13.24 39.35 1.11
CA ASN C 293 13.92 40.63 1.33
C ASN C 293 14.28 40.82 2.81
N LEU C 294 14.70 39.74 3.47
CA LEU C 294 15.12 39.78 4.89
C LEU C 294 16.64 39.65 5.00
N PRO C 295 17.25 40.31 6.00
CA PRO C 295 18.67 40.08 6.31
C PRO C 295 18.95 38.58 6.34
N LEU C 296 19.99 38.11 5.64
CA LEU C 296 20.23 36.68 5.42
C LEU C 296 21.71 36.34 5.65
N LEU C 297 21.92 35.33 6.49
CA LEU C 297 23.20 34.72 6.74
C LEU C 297 23.19 33.36 6.04
N MET C 298 24.04 33.20 5.03
CA MET C 298 24.13 31.94 4.29
C MET C 298 25.40 31.21 4.74
N LEU C 299 25.23 29.97 5.19
CA LEU C 299 26.31 29.18 5.75
C LEU C 299 26.51 27.89 4.93
N GLY C 300 27.71 27.35 5.03
CA GLY C 300 28.01 26.07 4.41
C GLY C 300 27.41 24.92 5.18
N GLY C 301 28.04 23.76 5.08
CA GLY C 301 27.49 22.53 5.61
C GLY C 301 28.21 21.33 5.02
N GLY C 302 27.50 20.20 4.91
CA GLY C 302 28.11 18.98 4.40
C GLY C 302 28.36 19.05 2.90
N GLY C 303 28.83 17.93 2.36
CA GLY C 303 29.21 17.87 0.95
C GLY C 303 30.56 17.21 0.81
N TYR C 304 30.58 16.05 0.12
CA TYR C 304 31.73 15.09 0.16
C TYR C 304 32.22 14.79 -1.27
N THR C 305 31.47 15.17 -2.29
CA THR C 305 32.01 15.21 -3.64
C THR C 305 32.45 16.66 -3.91
N ILE C 306 33.76 16.92 -3.74
CA ILE C 306 34.18 18.30 -3.47
C ILE C 306 34.01 19.17 -4.71
N ARG C 307 34.19 18.62 -5.92
CA ARG C 307 33.95 19.39 -7.14
C ARG C 307 32.49 19.89 -7.21
N ASN C 308 31.53 19.09 -6.71
CA ASN C 308 30.11 19.51 -6.79
C ASN C 308 29.82 20.51 -5.67
N VAL C 309 30.52 20.41 -4.54
CA VAL C 309 30.34 21.39 -3.47
C VAL C 309 30.77 22.76 -4.00
N ALA C 310 31.94 22.80 -4.63
CA ALA C 310 32.49 24.08 -5.15
C ALA C 310 31.52 24.68 -6.18
N ARG C 311 30.99 23.83 -7.07
CA ARG C 311 30.00 24.28 -8.07
C ARG C 311 28.80 24.93 -7.36
N CYS C 312 28.27 24.22 -6.37
CA CYS C 312 27.02 24.57 -5.69
C CYS C 312 27.18 25.91 -4.97
N TRP C 313 28.26 26.04 -4.20
CA TRP C 313 28.39 27.25 -3.38
C TRP C 313 28.83 28.45 -4.25
N THR C 314 29.54 28.19 -5.34
CA THR C 314 29.87 29.26 -6.30
C THR C 314 28.57 29.80 -6.90
N TYR C 315 27.71 28.88 -7.35
CA TYR C 315 26.46 29.27 -7.99
C TYR C 315 25.56 29.98 -6.96
N GLU C 316 25.54 29.50 -5.71
CA GLU C 316 24.69 30.11 -4.68
C GLU C 316 25.21 31.51 -4.34
N THR C 317 26.53 31.72 -4.40
CA THR C 317 27.07 33.07 -4.23
C THR C 317 26.62 33.97 -5.38
N ALA C 318 26.66 33.45 -6.60
CA ALA C 318 26.17 34.17 -7.78
C ALA C 318 24.67 34.52 -7.61
N VAL C 319 23.89 33.57 -7.12
CA VAL C 319 22.48 33.82 -6.82
C VAL C 319 22.36 34.97 -5.80
N ALA C 320 23.14 34.94 -4.73
CA ALA C 320 23.12 36.04 -3.75
C ALA C 320 23.39 37.39 -4.45
N LEU C 321 24.23 37.38 -5.47
CA LEU C 321 24.65 38.61 -6.13
C LEU C 321 23.74 38.96 -7.32
N ASP C 322 22.68 38.19 -7.59
CA ASP C 322 21.84 38.38 -8.78
C ASP C 322 22.66 38.38 -10.08
N CYS C 323 23.58 37.42 -10.18
CA CYS C 323 24.51 37.37 -11.30
C CYS C 323 24.44 35.99 -11.98
N GLU C 324 23.99 35.94 -13.23
CA GLU C 324 23.90 34.68 -13.99
C GLU C 324 25.27 34.37 -14.58
N ILE C 325 25.97 33.42 -14.02
CA ILE C 325 27.33 33.14 -14.47
C ILE C 325 27.28 32.06 -15.56
N PRO C 326 28.23 32.06 -16.50
CA PRO C 326 28.26 31.04 -17.56
C PRO C 326 28.41 29.60 -17.04
N ASN C 327 27.83 28.65 -17.79
CA ASN C 327 27.95 27.23 -17.50
C ASN C 327 29.38 26.72 -17.77
N GLU C 328 30.13 27.38 -18.68
CA GLU C 328 31.55 27.04 -18.94
C GLU C 328 32.40 27.54 -17.75
N LEU C 329 33.07 26.64 -17.04
CA LEU C 329 33.89 27.08 -15.89
C LEU C 329 35.05 27.94 -16.39
N PRO C 330 35.42 28.97 -15.63
CA PRO C 330 36.66 29.67 -15.97
C PRO C 330 37.86 28.80 -15.59
N TYR C 331 39.01 29.09 -16.17
CA TYR C 331 40.20 28.40 -15.74
C TYR C 331 40.40 28.70 -14.25
N ASN C 332 40.97 27.75 -13.52
CA ASN C 332 41.16 27.92 -12.08
C ASN C 332 42.23 26.93 -11.61
N ASP C 333 42.68 27.10 -10.38
CA ASP C 333 43.83 26.32 -9.87
C ASP C 333 43.46 24.84 -9.64
N TYR C 334 42.17 24.52 -9.68
CA TYR C 334 41.66 23.16 -9.51
C TYR C 334 40.94 22.68 -10.77
N PHE C 335 41.28 23.23 -11.93
CA PHE C 335 40.48 23.06 -13.14
C PHE C 335 40.28 21.57 -13.47
N GLU C 336 41.32 20.77 -13.33
CA GLU C 336 41.27 19.35 -13.74
C GLU C 336 40.27 18.58 -12.87
N TYR C 337 39.96 19.10 -11.69
CA TYR C 337 39.02 18.41 -10.77
C TYR C 337 37.59 18.46 -11.32
N PHE C 338 37.35 19.24 -12.38
CA PHE C 338 35.98 19.46 -12.82
C PHE C 338 35.75 18.73 -14.14
N GLY C 339 36.70 17.91 -14.55
CA GLY C 339 36.54 17.09 -15.75
C GLY C 339 35.52 15.98 -15.51
N PRO C 340 35.10 15.30 -16.57
CA PRO C 340 35.53 15.56 -17.95
C PRO C 340 34.74 16.67 -18.68
N ASP C 341 33.67 17.17 -18.06
CA ASP C 341 32.78 18.15 -18.72
C ASP C 341 33.22 19.61 -18.52
N PHE C 342 33.81 19.94 -17.37
CA PHE C 342 34.29 21.30 -17.05
C PHE C 342 33.13 22.32 -17.12
N LYS C 343 31.94 21.88 -16.73
CA LYS C 343 30.76 22.76 -16.66
C LYS C 343 30.42 23.04 -15.19
N LEU C 344 29.68 24.12 -14.96
CA LEU C 344 29.25 24.50 -13.61
C LEU C 344 28.12 23.57 -13.14
N HIS C 345 27.14 23.28 -14.01
CA HIS C 345 25.91 22.59 -13.61
C HIS C 345 26.10 21.07 -13.72
N ILE C 346 25.32 20.30 -12.95
CA ILE C 346 25.43 18.82 -12.90
C ILE C 346 24.08 18.21 -13.30
N SER C 347 24.10 16.95 -13.74
CA SER C 347 22.86 16.21 -14.05
C SER C 347 22.46 15.35 -12.86
N PRO C 348 21.14 15.10 -12.70
CA PRO C 348 20.71 14.12 -11.70
C PRO C 348 21.12 12.72 -12.14
N SER C 349 21.14 11.76 -11.22
CA SER C 349 21.27 10.36 -11.59
C SER C 349 19.87 9.80 -11.87
N ASN C 350 19.80 8.54 -12.30
CA ASN C 350 18.52 7.89 -12.59
C ASN C 350 18.07 7.09 -11.36
N MET C 351 18.54 7.45 -10.16
CA MET C 351 18.14 6.72 -8.95
C MET C 351 16.65 6.94 -8.70
N THR C 352 16.00 5.97 -8.07
CA THR C 352 14.56 6.06 -7.88
C THR C 352 14.28 7.00 -6.71
N ASN C 353 13.27 7.85 -6.90
CA ASN C 353 12.74 8.68 -5.83
C ASN C 353 11.85 7.80 -4.94
N GLN C 354 12.27 7.55 -3.71
CA GLN C 354 11.53 6.65 -2.78
C GLN C 354 10.45 7.43 -2.01
N ASN C 355 10.38 8.75 -2.19
CA ASN C 355 9.34 9.57 -1.62
C ASN C 355 8.10 9.50 -2.52
N THR C 356 7.08 8.78 -2.09
CA THR C 356 5.88 8.65 -2.91
C THR C 356 5.06 9.96 -2.84
N PRO C 357 4.27 10.26 -3.88
CA PRO C 357 3.33 11.39 -3.76
C PRO C 357 2.45 11.35 -2.50
N GLU C 358 1.90 10.19 -2.13
CA GLU C 358 1.07 10.06 -0.93
C GLU C 358 1.88 10.48 0.31
N TYR C 359 3.10 9.98 0.39
CA TYR C 359 3.95 10.24 1.55
C TYR C 359 4.21 11.76 1.65
N MET C 360 4.63 12.36 0.53
N MET C 360 4.63 12.37 0.54
CA MET C 360 4.97 13.78 0.48
CA MET C 360 4.98 13.79 0.51
C MET C 360 3.76 14.66 0.82
C MET C 360 3.76 14.66 0.82
N GLU C 361 2.58 14.32 0.30
CA GLU C 361 1.37 15.14 0.56
C GLU C 361 0.96 15.06 2.03
N LYS C 362 1.03 13.86 2.59
CA LYS C 362 0.75 13.58 4.01
C LYS C 362 1.65 14.38 4.95
N ILE C 363 2.96 14.42 4.70
CA ILE C 363 3.89 15.20 5.54
C ILE C 363 3.54 16.69 5.40
N LYS C 364 3.39 17.12 4.15
CA LYS C 364 3.11 18.52 3.84
C LYS C 364 1.84 18.96 4.56
N GLN C 365 0.80 18.14 4.53
CA GLN C 365 -0.47 18.55 5.11
C GLN C 365 -0.33 18.68 6.63
N ARG C 366 0.41 17.76 7.26
CA ARG C 366 0.64 17.83 8.71
C ARG C 366 1.40 19.11 9.08
N LEU C 367 2.41 19.49 8.30
CA LEU C 367 3.19 20.69 8.62
C LEU C 367 2.34 21.96 8.44
N PHE C 368 1.50 22.00 7.42
CA PHE C 368 0.58 23.15 7.23
C PHE C 368 -0.34 23.27 8.45
N GLU C 369 -0.85 22.14 8.95
CA GLU C 369 -1.71 22.12 10.15
C GLU C 369 -0.93 22.64 11.37
N ASN C 370 0.36 22.29 11.47
CA ASN C 370 1.23 22.72 12.58
C ASN C 370 1.46 24.23 12.51
N LEU C 371 1.72 24.75 11.31
CA LEU C 371 2.00 26.18 11.14
C LEU C 371 0.73 27.01 11.40
N ARG C 372 -0.47 26.46 11.15
CA ARG C 372 -1.72 27.21 11.43
C ARG C 372 -1.94 27.35 12.95
N MET C 373 -1.19 26.62 13.79
CA MET C 373 -1.31 26.74 15.26
C MET C 373 -0.58 27.98 15.81
N LEU C 374 0.22 28.68 15.00
CA LEU C 374 1.14 29.74 15.51
C LEU C 374 0.35 30.87 16.24
N PRO C 375 -0.64 31.56 15.65
CA PRO C 375 -0.88 31.66 14.22
C PRO C 375 -0.08 32.82 13.61
C1 EDO D . 9.75 6.33 -17.35
O1 EDO D . 8.81 7.02 -16.52
C2 EDO D . 10.19 5.05 -16.64
O2 EDO D . 9.10 4.54 -15.87
H11 EDO D . 9.31 6.08 -18.30
H12 EDO D . 10.62 6.96 -17.52
HO1 EDO D . 8.54 7.81 -17.01
H21 EDO D . 10.50 4.31 -17.38
H22 EDO D . 11.04 5.26 -15.98
HO2 EDO D . 9.38 3.72 -15.43
C1 EDO E . -15.30 19.49 -20.36
O1 EDO E . -14.93 20.75 -20.90
C2 EDO E . -14.35 19.10 -19.23
O2 EDO E . -14.84 19.52 -17.94
H11 EDO E . -16.32 19.54 -19.99
H12 EDO E . -15.26 18.73 -21.15
HO1 EDO E . -15.53 21.01 -21.63
H21 EDO E . -14.21 18.02 -19.23
H22 EDO E . -13.38 19.57 -19.40
HO2 EDO E . -14.22 19.25 -17.26
O1 PG4 F . -6.69 -11.04 -40.45
C1 PG4 F . -7.41 -11.95 -41.29
C2 PG4 F . -8.31 -12.84 -40.44
O2 PG4 F . -7.50 -13.51 -39.49
C3 PG4 F . -8.15 -14.61 -38.85
C4 PG4 F . -7.13 -15.43 -38.08
O3 PG4 F . -6.28 -14.62 -37.25
C5 PG4 F . -5.40 -15.42 -36.45
C6 PG4 F . -4.47 -14.55 -35.60
O4 PG4 F . -3.72 -13.67 -36.44
C7 PG4 F . -2.91 -12.75 -35.73
C8 PG4 F . -1.94 -12.10 -36.70
O5 PG4 F . -2.70 -11.54 -37.77
HO1 PG4 F . -6.09 -10.51 -40.92
H11 PG4 F . -8.01 -11.40 -42.01
H12 PG4 F . -6.71 -12.58 -41.84
H21 PG4 F . -9.06 -12.23 -39.93
H22 PG4 F . -8.83 -13.55 -41.08
H31 PG4 F . -8.92 -14.24 -38.18
H32 PG4 F . -8.63 -15.24 -39.60
H41 PG4 F . -7.66 -16.15 -37.44
H42 PG4 F . -6.51 -16.00 -38.78
H51 PG4 F . -5.98 -16.06 -35.79
H52 PG4 F . -4.80 -16.05 -37.10
H61 PG4 F . -5.05 -13.96 -34.90
H62 PG4 F . -3.78 -15.17 -35.04
H71 PG4 F . -3.53 -11.98 -35.25
H72 PG4 F . -2.35 -13.27 -34.94
H81 PG4 F . -1.36 -11.33 -36.20
H82 PG4 F . -1.25 -12.85 -37.09
HO5 PG4 F . -2.10 -11.12 -38.40
C1 PEG G . -28.78 -10.08 -8.37
O1 PEG G . -29.94 -10.58 -7.71
C2 PEG G . -27.75 -11.19 -8.57
O2 PEG G . -27.00 -11.33 -7.37
C3 PEG G . -26.06 -12.41 -7.44
C4 PEG G . -25.42 -12.57 -6.06
O4 PEG G . -26.44 -12.85 -5.10
H11 PEG G . -29.05 -9.67 -9.35
H12 PEG G . -28.33 -9.27 -7.79
HO1 PEG G . -30.57 -9.85 -7.60
H21 PEG G . -28.27 -12.12 -8.81
H22 PEG G . -27.09 -10.93 -9.40
H31 PEG G . -26.57 -13.32 -7.73
H32 PEG G . -25.30 -12.18 -8.19
H41 PEG G . -24.71 -13.39 -6.07
H42 PEG G . -24.89 -11.65 -5.79
HO4 PEG G . -26.03 -12.95 -4.22
C1 EDO H . 3.46 16.42 -14.38
O1 EDO H . 4.39 16.98 -15.33
C2 EDO H . 4.11 16.25 -13.02
O2 EDO H . 5.35 15.55 -13.16
H11 EDO H . 2.59 17.08 -14.30
H12 EDO H . 3.11 15.46 -14.76
HO1 EDO H . 3.93 17.09 -16.15
H21 EDO H . 4.29 17.24 -12.58
H22 EDO H . 3.44 15.69 -12.37
HO2 EDO H . 5.76 15.45 -12.30
C1 PEG I . -10.10 13.76 -4.67
O1 PEG I . -11.38 13.19 -4.92
C2 PEG I . -9.33 13.70 -5.97
O2 PEG I . -10.02 14.44 -6.99
C3 PEG I . -9.45 14.29 -8.29
C4 PEG I . -8.58 15.51 -8.58
O4 PEG I . -7.21 15.20 -8.28
H11 PEG I . -10.19 14.80 -4.34
H12 PEG I . -9.57 13.20 -3.90
HO1 PEG I . -11.91 13.21 -4.11
H21 PEG I . -8.32 14.12 -5.84
H22 PEG I . -9.23 12.66 -6.28
H31 PEG I . -8.85 13.38 -8.36
H32 PEG I . -10.24 14.24 -9.03
H41 PEG I . -8.66 15.79 -9.63
H42 PEG I . -8.90 16.36 -7.97
HO4 PEG I . -6.65 15.97 -8.47
C1 PEG J . -5.56 -1.44 -35.81
O1 PEG J . -4.64 -1.25 -36.90
C2 PEG J . -5.65 -0.33 -34.78
O2 PEG J . -4.69 -0.49 -33.73
C3 PEG J . -4.05 0.63 -33.12
C4 PEG J . -2.55 0.47 -33.38
O4 PEG J . -1.86 1.65 -33.80
H11 PEG J . -6.56 -1.62 -36.22
H12 PEG J . -5.25 -2.35 -35.28
HO1 PEG J . -4.67 -2.02 -37.49
H21 PEG J . -5.52 0.63 -35.27
H22 PEG J . -6.65 -0.32 -34.35
H31 PEG J . -4.43 1.57 -33.52
H32 PEG J . -4.22 0.63 -32.03
H41 PEG J . -2.08 0.08 -32.48
H42 PEG J . -2.43 -0.26 -34.18
HO4 PEG J . -1.14 1.39 -34.38
C1 EDO K . -23.38 15.78 -36.74
O1 EDO K . -24.80 15.66 -36.84
C2 EDO K . -22.71 14.74 -37.61
O2 EDO K . -21.41 14.44 -37.11
H11 EDO K . -23.07 16.79 -37.05
H12 EDO K . -23.06 15.65 -35.70
HO1 EDO K . -25.25 16.28 -36.22
H21 EDO K . -23.33 13.84 -37.64
H22 EDO K . -22.62 15.12 -38.63
HO2 EDO K . -20.99 13.77 -37.67
C1 EDO L . -24.96 -6.81 -47.08
O1 EDO L . -24.42 -5.89 -48.01
C2 EDO L . -23.88 -7.28 -46.12
O2 EDO L . -24.48 -8.06 -45.09
H11 EDO L . -25.77 -6.33 -46.51
H12 EDO L . -25.38 -7.66 -47.60
HO1 EDO L . -25.10 -5.58 -48.62
H21 EDO L . -23.14 -7.88 -46.67
H22 EDO L . -23.36 -6.42 -45.69
HO2 EDO L . -23.79 -8.37 -44.48
ZN ZN M . -19.36 3.19 -24.91
CA CA N . -13.12 6.69 -25.98
NA NA O . -5.57 15.96 -16.88
C10 KKI P . -28.49 8.27 -25.52
C11 KKI P . -28.45 7.98 -24.18
C12 KKI P . -20.16 2.66 -20.71
C13 KKI P . -27.50 7.05 -23.73
C14 KKI P . -27.43 6.72 -22.34
C15 KKI P . -19.38 2.41 -22.01
C16 KKI P . -21.14 3.89 -22.54
C19 KKI P . -21.39 1.25 -19.01
C21 KKI P . -20.41 -0.72 -18.04
C01 KKI P . -21.52 3.15 -21.24
C02 KKI P . -19.27 -0.52 -18.79
C03 KKI P . -19.19 0.57 -19.65
C04 KKI P . -24.28 3.54 -24.74
C05 KKI P . -24.96 4.74 -25.35
C06 KKI P . -24.65 6.01 -23.33
C07 KKI P . -23.85 4.87 -22.72
C08 KKI P . -26.62 6.45 -24.67
C09 KKI P . -27.61 7.65 -26.38
C17 KKI P . -22.09 3.42 -23.64
C18 KKI P . -20.25 1.46 -19.77
C20 KKI P . -21.47 0.16 -18.15
N22 KKI P . -19.74 3.58 -22.85
N23 KKI P . -23.30 3.97 -23.74
N24 KKI P . -25.64 5.51 -24.29
N25 KKI P . -26.69 6.75 -25.98
N26 KKI P . -27.38 6.47 -21.22
O27 KKI P . -21.72 2.54 -24.42
C3' NHE Q . -21.20 -10.58 -3.92
C2' NHE Q . -20.96 -11.57 -5.05
C1' NHE Q . -20.29 -12.86 -4.55
C6' NHE Q . -21.03 -13.46 -3.33
N NHE Q . -20.25 -13.84 -5.67
C1 NHE Q . -19.26 -14.95 -5.54
C2 NHE Q . -19.51 -15.99 -6.60
S NHE Q . -18.04 -16.93 -7.01
O1 NHE Q . -17.55 -17.48 -5.75
O2 NHE Q . -18.49 -17.94 -7.95
O3 NHE Q . -17.11 -15.99 -7.60
C5' NHE Q . -21.25 -12.43 -2.24
C4' NHE Q . -22.00 -11.22 -2.79
H3'1 NHE Q . -21.71 -9.82 -4.27
H3'2 NHE Q . -20.35 -10.25 -3.58
H2'1 NHE Q . -20.39 -11.16 -5.72
H2'2 NHE Q . -21.81 -11.80 -5.46
HC'1 NHE Q . -19.36 -12.65 -4.28
H6'1 NHE Q . -20.50 -14.21 -2.98
H6'2 NHE Q . -21.89 -13.81 -3.63
HN NHE Q . -21.09 -14.22 -5.76
HC11 NHE Q . -18.35 -14.58 -5.64
HC12 NHE Q . -19.33 -15.35 -4.65
HC21 NHE Q . -20.19 -16.62 -6.28
HC22 NHE Q . -19.83 -15.57 -7.42
H5'1 NHE Q . -21.77 -12.83 -1.52
H5'2 NHE Q . -20.38 -12.14 -1.88
H4'1 NHE Q . -22.88 -11.50 -3.12
H4'2 NHE Q . -22.12 -10.57 -2.07
H9 NHE Q . -20.08 -13.40 -6.44
C1 EDO R . 7.11 -32.03 10.83
O1 EDO R . 6.23 -32.02 9.74
C2 EDO R . 7.59 -30.63 11.05
O2 EDO R . 6.64 -29.95 11.79
H11 EDO R . 6.59 -32.38 11.73
H12 EDO R . 7.96 -32.69 10.63
HO1 EDO R . 5.92 -32.94 9.60
H21 EDO R . 8.54 -30.64 11.58
H22 EDO R . 7.73 -30.14 10.09
HO2 EDO R . 6.93 -29.05 11.93
C1 PEG S . -26.14 -27.85 -5.75
O1 PEG S . -27.26 -27.01 -6.00
C2 PEG S . -26.48 -28.76 -4.58
O2 PEG S . -26.59 -27.98 -3.38
C3 PEG S . -27.50 -28.60 -2.48
C4 PEG S . -27.84 -27.67 -1.33
O4 PEG S . -29.17 -28.01 -0.91
H11 PEG S . -25.92 -28.45 -6.63
H12 PEG S . -25.27 -27.23 -5.50
HO1 PEG S . -27.09 -26.45 -6.75
H21 PEG S . -27.40 -29.28 -4.79
H22 PEG S . -25.68 -29.50 -4.45
H31 PEG S . -28.42 -28.87 -3.00
H32 PEG S . -27.05 -29.52 -2.10
H41 PEG S . -27.13 -27.82 -0.52
H42 PEG S . -27.80 -26.64 -1.65
HO4 PEG S . -29.42 -27.44 -0.18
O1 PG4 T . -4.90 -42.45 34.97
C1 PG4 T . -5.30 -41.19 35.51
C2 PG4 T . -5.44 -41.30 37.03
O2 PG4 T . -6.67 -41.93 37.32
C3 PG4 T . -6.76 -42.48 38.63
C4 PG4 T . -8.12 -43.17 38.77
O3 PG4 T . -8.17 -43.95 39.96
C5 PG4 T . -9.44 -43.94 40.62
C6 PG4 T . -9.39 -44.90 41.79
O4 PG4 T . -9.82 -46.20 41.36
C7 PG4 T . -9.39 -47.24 42.24
C8 PG4 T . -10.46 -48.32 42.32
O5 PG4 T . -11.51 -47.86 43.19
HO1 PG4 T . -4.80 -42.43 34.00
H11 PG4 T . -4.55 -40.43 35.26
H12 PG4 T . -6.25 -40.89 35.08
H21 PG4 T . -4.61 -41.87 37.43
H22 PG4 T . -5.41 -40.30 37.47
H31 PG4 T . -5.95 -43.21 38.79
H32 PG4 T . -6.67 -41.69 39.37
H41 PG4 T . -8.91 -42.43 38.77
H42 PG4 T . -8.28 -43.83 37.91
H51 PG4 T . -9.67 -42.93 40.97
H52 PG4 T . -10.22 -44.23 39.91
H61 PG4 T . -8.38 -44.95 42.18
H62 PG4 T . -10.06 -44.54 42.58
H71 PG4 T . -8.46 -47.68 41.86
H72 PG4 T . -9.20 -46.85 43.24
H81 PG4 T . -10.86 -48.51 41.32
H82 PG4 T . -10.03 -49.24 42.71
HO5 PG4 T . -12.19 -48.54 43.25
C1 EDO U . -35.66 -25.47 20.08
O1 EDO U . -35.82 -26.49 19.10
C2 EDO U . -34.18 -25.15 20.24
O2 EDO U . -34.02 -23.90 20.90
H11 EDO U . -36.20 -24.57 19.78
H12 EDO U . -36.07 -25.81 21.04
HO1 EDO U . -36.76 -26.70 19.00
H21 EDO U . -33.69 -25.94 20.81
H22 EDO U . -33.72 -25.10 19.25
HO2 EDO U . -33.07 -23.70 21.00
C1 PEG V . 11.80 -34.00 7.12
O1 PEG V . 11.15 -33.03 7.94
C2 PEG V . 12.20 -33.36 5.80
O2 PEG V . 13.07 -32.25 6.04
C3 PEG V . 14.42 -32.47 5.59
C4 PEG V . 15.30 -31.30 6.02
O4 PEG V . 16.49 -31.77 6.66
H11 PEG V . 12.69 -34.37 7.64
H12 PEG V . 11.14 -34.84 6.93
HO1 PEG V . 10.87 -33.45 8.78
H21 PEG V . 12.69 -34.10 5.16
H22 PEG V . 11.30 -33.01 5.28
H31 PEG V . 14.80 -33.40 6.03
H32 PEG V . 14.44 -32.57 4.51
H41 PEG V . 15.57 -30.71 5.14
H42 PEG V . 14.75 -30.65 6.70
HO4 PEG V . 17.04 -31.02 6.92
C1 EDO W . 3.03 -12.39 1.72
O1 EDO W . 2.91 -12.89 0.38
C2 EDO W . 4.41 -11.77 1.97
O2 EDO W . 4.32 -10.34 1.85
H11 EDO W . 2.26 -11.62 1.88
H12 EDO W . 2.87 -13.19 2.42
HO1 EDO W . 2.03 -13.26 0.26
H21 EDO W . 4.76 -12.04 2.96
H22 EDO W . 5.12 -12.16 1.23
HO2 EDO W . 5.19 -9.96 2.00
ZN ZN X . -5.17 -24.95 19.12
CA CA Y . -11.73 -27.17 21.13
NA NA Z . -24.43 -19.19 22.84
C10 KKI AA . 1.19 -20.03 25.79
C11 KKI AA . 0.88 -19.02 24.92
C12 KKI AA . -5.39 -21.29 16.83
C13 KKI AA . 0.23 -19.36 23.72
C14 KKI AA . -0.10 -18.32 22.79
C15 KKI AA . -5.67 -22.78 17.08
C16 KKI AA . -4.48 -22.00 18.96
C19 KKI AA . -5.63 -21.55 14.32
C21 KKI AA . -4.42 -20.18 12.78
C01 KKI AA . -4.24 -20.99 17.81
C02 KKI AA . -3.83 -19.51 13.84
C03 KKI AA . -4.15 -19.88 15.14
C04 KKI AA . -2.39 -20.68 20.49
C05 KKI AA . -2.01 -20.49 21.95
C06 KKI AA . -0.69 -22.55 21.88
C07 KKI AA . -0.97 -22.67 20.39
C08 KKI AA . -0.08 -20.72 23.46
C09 KKI AA . 0.86 -21.33 25.49
C17 KKI AA . -3.16 -22.70 19.30
C18 KKI AA . -5.06 -20.90 15.40
C20 KKI AA . -5.31 -21.20 13.02
N22 KKI AA . -5.51 -22.95 18.54
N23 KKI AA . -2.26 -22.07 20.08
N24 KKI AA . -0.74 -21.15 22.28
N25 KKI AA . 0.24 -21.68 24.35
N26 KKI AA . -0.37 -17.50 22.04
O27 KKI AA . -2.94 -23.82 18.84
C1 PEG BA . 16.70 32.56 23.09
O1 PEG BA . 17.16 33.57 23.99
C2 PEG BA . 16.92 31.17 23.68
O2 PEG BA . 18.30 30.79 23.58
C3 PEG BA . 18.59 29.54 24.20
C4 PEG BA . 20.09 29.40 24.35
O4 PEG BA . 20.56 30.45 25.21
H11 PEG BA . 15.64 32.70 22.90
H12 PEG BA . 17.23 32.64 22.14
HO1 PEG BA . 17.01 34.46 23.58
H21 PEG BA . 16.62 31.18 24.73
H22 PEG BA . 16.30 30.44 23.15
H31 PEG BA . 18.12 29.49 25.19
H32 PEG BA . 18.19 28.73 23.60
H41 PEG BA . 20.34 28.43 24.77
H42 PEG BA . 20.57 29.48 23.36
HO4 PEG BA . 21.52 30.38 25.31
C1 EDO CA . 18.10 39.27 1.25
O1 EDO CA . 17.31 39.49 0.07
C2 EDO CA . 18.53 40.61 1.86
O2 EDO CA . 17.66 41.67 1.42
H11 EDO CA . 17.51 38.70 1.97
H12 EDO CA . 18.98 38.69 1.00
HO1 EDO CA . 17.04 38.63 -0.30
H21 EDO CA . 18.54 40.56 2.94
H22 EDO CA . 19.56 40.80 1.53
HO2 EDO CA . 17.95 42.50 1.80
ZN ZN DA . 25.18 16.62 6.31
CA CA EA . 18.60 19.50 6.91
NA NA FA . 12.25 26.98 18.36
C10 KKI GA . 27.44 7.53 10.79
C11 KKI GA . 28.23 8.39 11.53
C12 KKI GA . 27.95 18.56 8.92
C13 KKI GA . 28.39 9.69 11.07
C14 KKI GA . 29.20 10.61 11.82
C15 KKI GA . 27.01 18.43 7.71
C16 KKI GA . 27.05 16.33 8.75
C19 KKI GA . 28.96 20.78 8.30
C21 KKI GA . 31.33 21.15 8.36
C01 KKI GA . 28.31 17.09 9.19
C02 KKI GA . 31.52 19.85 8.77
C03 KKI GA . 30.43 19.02 8.95
C04 KKI GA . 28.15 13.82 9.70
C05 KKI GA . 27.50 12.52 10.15
C06 KKI GA . 27.64 11.64 7.88
C07 KKI GA . 28.30 12.93 7.43
C08 KKI GA . 27.76 10.09 9.84
C09 KKI GA . 26.87 7.97 9.62
C17 KKI GA . 27.43 15.22 7.78
C18 KKI GA . 29.13 19.47 8.71
C20 KKI GA . 30.04 21.62 8.13
N22 KKI GA . 26.15 17.32 8.14
N23 KKI GA . 27.88 14.04 8.28
N24 KKI GA . 27.88 11.38 9.30
N25 KKI GA . 27.01 9.22 9.15
N26 KKI GA . 29.84 11.36 12.41
O27 KKI GA . 27.31 15.40 6.57
#